data_1NF3
#
_entry.id   1NF3
#
_cell.length_a   41.744
_cell.length_b   53.787
_cell.length_c   79.521
_cell.angle_alpha   81.55
_cell.angle_beta   76.59
_cell.angle_gamma   90.04
#
_symmetry.space_group_name_H-M   'P 1'
#
loop_
_entity.id
_entity.type
_entity.pdbx_description
1 polymer 'G25K GTP-binding protein, placental isoform'
2 polymer PAR-6B
3 non-polymer 'MAGNESIUM ION'
4 non-polymer 'PHOSPHOAMINOPHOSPHONIC ACID-GUANYLATE ESTER'
5 water water
#
loop_
_entity_poly.entity_id
_entity_poly.type
_entity_poly.pdbx_seq_one_letter_code
_entity_poly.pdbx_strand_id
1 'polypeptide(L)'
;GAMGIQTIKCVVVGDGAVGKTCLLISYTTNKFPSEYVPTVFDNYAVTVMIGGEPYTLGLFDTAGLEDYDRLRPLSYPQTD
VFLVCFSVVSPSSFENVKEKWVPEITHHCPKTPFLLVGTQIDLRDDPSTIEKLAKNKQKPITPETAEKLARDLKAVKYVE
CSALTQKGLKNVFDEAILAALEPPEPKKSRRCVLL
;
A,B
2 'polypeptide(L)'
;RKKPHIVISMPQDFRPVSSIIDVDILPETHRRVRLCKYGTEKPLGFYIRDGSSVRVTPHGLEKVPGIFISRLVPGGLAQS
TGLLAVNDEVLEVNGIEVSGKSLDQVTDMMIANSRNLIITVRPANQRN
;
C,D
#
loop_
_chem_comp.id
_chem_comp.type
_chem_comp.name
_chem_comp.formula
GNP non-polymer 'PHOSPHOAMINOPHOSPHONIC ACID-GUANYLATE ESTER' 'C10 H17 N6 O13 P3'
MG non-polymer 'MAGNESIUM ION' 'Mg 2'
#
# COMPACT_ATOMS: atom_id res chain seq x y z
N GLY A 1 -21.47 2.94 -13.56
CA GLY A 1 -22.06 2.53 -14.91
C GLY A 1 -23.56 2.22 -14.92
N ALA A 2 -24.06 1.70 -16.03
CA ALA A 2 -25.49 1.38 -16.20
C ALA A 2 -26.04 0.27 -15.28
N MET A 3 -25.16 -0.59 -14.80
CA MET A 3 -25.55 -1.72 -13.98
C MET A 3 -24.92 -1.72 -12.58
N GLY A 4 -25.48 -2.56 -11.71
CA GLY A 4 -24.98 -2.74 -10.36
C GLY A 4 -25.49 -4.10 -9.90
N ILE A 5 -24.69 -4.88 -9.19
CA ILE A 5 -25.21 -6.18 -8.78
C ILE A 5 -26.04 -6.14 -7.50
N GLN A 6 -26.07 -4.98 -6.85
CA GLN A 6 -26.82 -4.79 -5.63
C GLN A 6 -27.01 -3.28 -5.45
N THR A 7 -28.18 -2.90 -4.96
CA THR A 7 -28.49 -1.51 -4.71
C THR A 7 -28.50 -1.28 -3.20
N ILE A 8 -27.67 -0.36 -2.73
CA ILE A 8 -27.64 -0.03 -1.31
C ILE A 8 -28.24 1.37 -1.12
N LYS A 9 -29.33 1.47 -0.38
CA LYS A 9 -29.98 2.76 -0.14
C LYS A 9 -29.51 3.38 1.18
N CYS A 10 -28.83 4.52 1.06
CA CYS A 10 -28.32 5.26 2.23
C CYS A 10 -29.00 6.63 2.35
N VAL A 11 -29.69 6.83 3.47
CA VAL A 11 -30.41 8.08 3.77
C VAL A 11 -29.65 8.90 4.85
N VAL A 12 -29.50 10.21 4.62
CA VAL A 12 -28.76 11.07 5.57
C VAL A 12 -29.65 12.08 6.29
N VAL A 13 -29.65 12.01 7.63
CA VAL A 13 -30.47 12.90 8.46
C VAL A 13 -29.60 13.62 9.51
N GLY A 14 -30.16 14.68 10.10
CA GLY A 14 -29.45 15.48 11.08
C GLY A 14 -29.87 16.95 11.03
N ASP A 15 -29.60 17.69 12.10
CA ASP A 15 -29.97 19.10 12.20
C ASP A 15 -29.69 19.95 10.98
N GLY A 16 -30.42 21.04 10.87
CA GLY A 16 -30.17 21.90 9.74
C GLY A 16 -28.74 22.39 9.85
N ALA A 17 -28.09 22.54 8.69
CA ALA A 17 -26.73 23.05 8.57
C ALA A 17 -25.56 22.27 9.16
N VAL A 18 -25.79 21.03 9.59
CA VAL A 18 -24.65 20.27 10.12
C VAL A 18 -23.64 19.85 9.05
N GLY A 19 -24.03 19.95 7.77
CA GLY A 19 -23.13 19.57 6.68
C GLY A 19 -23.54 18.33 5.86
N LYS A 20 -24.79 17.91 6.00
CA LYS A 20 -25.28 16.75 5.26
C LYS A 20 -25.08 16.83 3.76
N THR A 21 -25.53 17.92 3.16
CA THR A 21 -25.42 18.06 1.72
C THR A 21 -23.99 18.17 1.24
N CYS A 22 -23.16 18.97 1.93
CA CYS A 22 -21.76 19.11 1.54
C CYS A 22 -21.05 17.77 1.65
N LEU A 23 -21.36 17.02 2.71
CA LEU A 23 -20.78 15.71 2.91
C LEU A 23 -21.06 14.89 1.64
N LEU A 24 -22.32 14.82 1.24
CA LEU A 24 -22.69 14.05 0.04
C LEU A 24 -22.08 14.58 -1.27
N ILE A 25 -22.13 15.88 -1.46
CA ILE A 25 -21.62 16.46 -2.68
C ILE A 25 -20.10 16.36 -2.75
N SER A 26 -19.46 16.52 -1.60
CA SER A 26 -18.01 16.44 -1.55
C SER A 26 -17.56 15.01 -1.90
N TYR A 27 -18.25 14.02 -1.33
CA TYR A 27 -17.90 12.62 -1.60
C TYR A 27 -18.11 12.20 -3.07
N THR A 28 -19.27 12.52 -3.60
CA THR A 28 -19.63 12.14 -4.98
C THR A 28 -19.02 12.94 -6.13
N THR A 29 -18.82 14.23 -5.93
CA THR A 29 -18.26 15.01 -7.02
C THR A 29 -16.96 15.72 -6.70
N ASN A 30 -16.49 15.58 -5.47
CA ASN A 30 -15.26 16.25 -5.05
C ASN A 30 -15.40 17.76 -5.08
N LYS A 31 -16.64 18.24 -5.05
CA LYS A 31 -16.91 19.67 -5.04
C LYS A 31 -17.53 20.04 -3.69
N PHE A 32 -17.22 21.22 -3.20
CA PHE A 32 -17.77 21.69 -1.93
C PHE A 32 -18.73 22.83 -2.24
N PRO A 33 -20.06 22.57 -2.22
CA PRO A 33 -21.05 23.60 -2.51
C PRO A 33 -20.68 24.93 -1.88
N SER A 34 -20.91 26.02 -2.63
CA SER A 34 -20.58 27.35 -2.14
C SER A 34 -21.41 27.78 -0.94
N GLU A 35 -22.56 28.37 -1.19
CA GLU A 35 -23.39 28.82 -0.11
C GLU A 35 -24.46 27.81 0.28
N TYR A 36 -24.88 27.93 1.53
CA TYR A 36 -25.90 27.07 2.13
C TYR A 36 -27.30 27.29 1.59
N VAL A 37 -27.90 26.21 1.11
CA VAL A 37 -29.26 26.21 0.59
C VAL A 37 -29.91 25.05 1.32
N PRO A 38 -30.94 25.31 2.14
CA PRO A 38 -31.57 24.21 2.86
C PRO A 38 -32.14 23.15 1.94
N THR A 39 -32.00 21.89 2.33
CA THR A 39 -32.48 20.77 1.55
C THR A 39 -33.93 20.45 1.88
N VAL A 40 -34.70 20.10 0.86
CA VAL A 40 -36.07 19.69 1.08
C VAL A 40 -36.05 18.17 0.87
N PHE A 41 -35.57 17.74 -0.30
CA PHE A 41 -35.45 16.33 -0.67
C PHE A 41 -34.60 16.21 -1.95
N ASP A 42 -33.51 15.44 -1.86
CA ASP A 42 -32.64 15.22 -3.01
C ASP A 42 -32.14 13.79 -3.00
N ASN A 43 -32.19 13.20 -4.17
CA ASN A 43 -31.82 11.81 -4.38
C ASN A 43 -30.79 11.74 -5.52
N TYR A 44 -29.68 11.06 -5.27
CA TYR A 44 -28.65 10.89 -6.28
C TYR A 44 -28.22 9.42 -6.25
N ALA A 45 -27.39 9.04 -7.23
CA ALA A 45 -26.87 7.69 -7.33
C ALA A 45 -25.45 7.73 -7.86
N VAL A 46 -24.62 6.81 -7.37
CA VAL A 46 -23.25 6.67 -7.84
C VAL A 46 -23.05 5.16 -7.92
N THR A 47 -21.99 4.76 -8.58
CA THR A 47 -21.63 3.36 -8.71
C THR A 47 -20.33 3.26 -7.94
N VAL A 48 -20.21 2.22 -7.12
CA VAL A 48 -18.99 1.97 -6.36
C VAL A 48 -18.62 0.52 -6.56
N MET A 49 -17.36 0.32 -6.89
CA MET A 49 -16.86 -1.01 -7.11
C MET A 49 -16.56 -1.67 -5.77
N ILE A 50 -17.20 -2.80 -5.50
CA ILE A 50 -16.99 -3.58 -4.28
C ILE A 50 -16.57 -5.00 -4.68
N GLY A 51 -15.31 -5.33 -4.46
CA GLY A 51 -14.83 -6.64 -4.84
C GLY A 51 -14.66 -6.70 -6.34
N GLY A 52 -14.50 -5.53 -6.95
CA GLY A 52 -14.31 -5.46 -8.39
C GLY A 52 -15.62 -5.47 -9.16
N GLU A 53 -16.74 -5.52 -8.43
CA GLU A 53 -18.05 -5.53 -9.06
C GLU A 53 -18.86 -4.28 -8.75
N PRO A 54 -19.59 -3.78 -9.76
CA PRO A 54 -20.44 -2.59 -9.67
C PRO A 54 -21.60 -2.74 -8.68
N TYR A 55 -21.73 -1.75 -7.80
CA TYR A 55 -22.80 -1.69 -6.83
C TYR A 55 -23.37 -0.28 -6.93
N THR A 56 -24.69 -0.20 -6.86
CA THR A 56 -25.38 1.08 -6.94
C THR A 56 -25.63 1.60 -5.53
N LEU A 57 -25.15 2.82 -5.29
CA LEU A 57 -25.31 3.47 -4.01
C LEU A 57 -26.29 4.59 -4.24
N GLY A 58 -27.50 4.42 -3.69
CA GLY A 58 -28.55 5.42 -3.81
C GLY A 58 -28.45 6.32 -2.59
N LEU A 59 -28.13 7.58 -2.82
CA LEU A 59 -27.96 8.56 -1.76
C LEU A 59 -29.15 9.47 -1.59
N PHE A 60 -29.72 9.46 -0.39
CA PHE A 60 -30.89 10.28 -0.11
C PHE A 60 -30.70 11.37 0.93
N ASP A 61 -30.66 12.61 0.46
CA ASP A 61 -30.49 13.79 1.29
C ASP A 61 -31.83 14.25 1.80
N THR A 62 -31.88 14.65 3.06
CA THR A 62 -33.11 15.13 3.68
C THR A 62 -32.96 16.50 4.33
N ALA A 63 -34.10 17.03 4.76
CA ALA A 63 -34.22 18.34 5.38
C ALA A 63 -33.92 18.34 6.87
N GLY A 64 -32.86 19.06 7.24
CA GLY A 64 -32.51 19.19 8.65
C GLY A 64 -33.49 20.14 9.33
N LEU A 65 -34.10 21.03 8.56
CA LEU A 65 -35.03 21.99 9.14
C LEU A 65 -36.34 21.32 9.53
N GLU A 66 -36.83 21.60 10.74
CA GLU A 66 -38.06 20.98 11.20
C GLU A 66 -39.28 21.46 10.44
N ASP A 67 -39.16 22.58 9.74
CA ASP A 67 -40.27 23.09 8.95
C ASP A 67 -40.72 21.98 8.02
N TYR A 68 -39.77 21.16 7.61
CA TYR A 68 -40.06 20.09 6.69
C TYR A 68 -40.20 18.71 7.30
N ASP A 69 -40.43 18.64 8.61
CA ASP A 69 -40.61 17.35 9.28
C ASP A 69 -41.61 16.49 8.51
N ARG A 70 -42.73 17.09 8.17
CA ARG A 70 -43.83 16.42 7.47
C ARG A 70 -43.39 15.60 6.23
N LEU A 71 -42.41 16.12 5.49
CA LEU A 71 -41.91 15.49 4.28
C LEU A 71 -40.83 14.44 4.49
N ARG A 72 -40.13 14.51 5.63
CA ARG A 72 -39.03 13.59 5.84
C ARG A 72 -39.26 12.08 5.70
N PRO A 73 -40.33 11.54 6.30
CA PRO A 73 -40.53 10.10 6.14
C PRO A 73 -40.55 9.59 4.71
N LEU A 74 -40.75 10.47 3.72
CA LEU A 74 -40.77 10.02 2.33
C LEU A 74 -39.47 9.35 1.91
N SER A 75 -38.36 9.76 2.53
CA SER A 75 -37.05 9.18 2.22
C SER A 75 -36.83 7.80 2.82
N TYR A 76 -37.56 7.47 3.87
CA TYR A 76 -37.36 6.23 4.63
C TYR A 76 -37.62 4.84 4.02
N PRO A 77 -38.71 4.67 3.24
CA PRO A 77 -38.96 3.34 2.69
C PRO A 77 -37.78 2.71 1.94
N GLN A 78 -37.52 1.43 2.22
CA GLN A 78 -36.44 0.66 1.58
C GLN A 78 -35.00 1.08 1.93
N THR A 79 -34.80 1.92 2.94
CA THR A 79 -33.45 2.33 3.31
C THR A 79 -32.71 1.12 3.89
N ASP A 80 -31.44 0.97 3.51
CA ASP A 80 -30.60 -0.13 3.96
C ASP A 80 -29.70 0.30 5.15
N VAL A 81 -29.30 1.58 5.13
CA VAL A 81 -28.48 2.15 6.19
C VAL A 81 -28.72 3.66 6.34
N PHE A 82 -28.67 4.15 7.57
CA PHE A 82 -28.86 5.57 7.86
C PHE A 82 -27.60 6.25 8.42
N LEU A 83 -27.34 7.48 7.96
CA LEU A 83 -26.23 8.28 8.50
C LEU A 83 -26.87 9.38 9.34
N VAL A 84 -26.74 9.32 10.66
CA VAL A 84 -27.31 10.37 11.51
C VAL A 84 -26.18 11.36 11.77
N CYS A 85 -26.36 12.61 11.33
CA CYS A 85 -25.30 13.62 11.46
C CYS A 85 -25.45 14.77 12.45
N PHE A 86 -24.31 15.25 12.91
CA PHE A 86 -24.26 16.36 13.84
C PHE A 86 -22.88 17.00 13.65
N SER A 87 -22.80 18.31 13.79
CA SER A 87 -21.51 19.01 13.64
C SER A 87 -20.76 18.85 14.94
N VAL A 88 -19.50 18.44 14.88
CA VAL A 88 -18.70 18.25 16.09
C VAL A 88 -18.47 19.57 16.86
N VAL A 89 -18.81 20.68 16.23
CA VAL A 89 -18.67 21.96 16.91
C VAL A 89 -20.05 22.56 17.18
N SER A 90 -21.08 21.70 17.18
CA SER A 90 -22.45 22.14 17.43
C SER A 90 -23.14 21.28 18.48
N PRO A 91 -22.93 21.60 19.78
CA PRO A 91 -23.53 20.88 20.91
C PRO A 91 -25.02 20.61 20.74
N SER A 92 -25.73 21.58 20.19
CA SER A 92 -27.17 21.42 20.02
C SER A 92 -27.48 20.32 19.00
N SER A 93 -26.66 20.22 17.96
CA SER A 93 -26.87 19.20 16.93
C SER A 93 -26.68 17.80 17.53
N PHE A 94 -25.65 17.68 18.37
CA PHE A 94 -25.34 16.42 19.03
C PHE A 94 -26.53 16.07 19.91
N GLU A 95 -27.02 17.03 20.70
CA GLU A 95 -28.17 16.74 21.56
C GLU A 95 -29.39 16.25 20.78
N ASN A 96 -29.59 16.83 19.59
CA ASN A 96 -30.74 16.43 18.77
C ASN A 96 -30.64 15.03 18.17
N VAL A 97 -29.41 14.49 18.18
CA VAL A 97 -29.17 13.14 17.71
C VAL A 97 -29.94 12.21 18.63
N LYS A 98 -29.81 12.43 19.93
CA LYS A 98 -30.52 11.54 20.86
C LYS A 98 -31.97 11.91 21.05
N GLU A 99 -32.32 13.17 20.84
CA GLU A 99 -33.70 13.58 21.06
C GLU A 99 -34.66 13.62 19.87
N LYS A 100 -34.13 13.67 18.65
CA LYS A 100 -34.98 13.71 17.47
C LYS A 100 -34.57 12.69 16.44
N TRP A 101 -33.37 12.85 15.88
CA TRP A 101 -32.90 11.96 14.84
C TRP A 101 -32.90 10.45 15.07
N VAL A 102 -32.28 9.94 16.15
CA VAL A 102 -32.32 8.50 16.33
C VAL A 102 -33.76 7.99 16.61
N PRO A 103 -34.53 8.71 17.45
CA PRO A 103 -35.92 8.29 17.73
C PRO A 103 -36.75 8.23 16.43
N GLU A 104 -36.60 9.25 15.59
CA GLU A 104 -37.32 9.30 14.33
C GLU A 104 -37.03 8.13 13.37
N ILE A 105 -35.75 7.91 13.02
CA ILE A 105 -35.45 6.81 12.07
C ILE A 105 -35.69 5.43 12.65
N THR A 106 -35.49 5.30 13.97
CA THR A 106 -35.68 4.04 14.65
C THR A 106 -37.17 3.76 14.75
N HIS A 107 -37.97 4.81 14.88
CA HIS A 107 -39.42 4.65 14.95
C HIS A 107 -39.98 4.15 13.61
N HIS A 108 -39.52 4.74 12.52
CA HIS A 108 -39.99 4.39 11.19
C HIS A 108 -39.39 3.11 10.62
N CYS A 109 -38.11 2.88 10.92
CA CYS A 109 -37.34 1.75 10.44
C CYS A 109 -36.58 1.12 11.60
N PRO A 110 -37.28 0.40 12.47
CA PRO A 110 -36.78 -0.30 13.67
C PRO A 110 -35.59 -1.24 13.49
N LYS A 111 -35.45 -1.84 12.31
CA LYS A 111 -34.36 -2.78 12.09
C LYS A 111 -33.24 -2.32 11.17
N THR A 112 -33.30 -1.08 10.74
CA THR A 112 -32.28 -0.59 9.83
C THR A 112 -31.09 -0.05 10.64
N PRO A 113 -29.86 -0.45 10.28
CA PRO A 113 -28.62 -0.01 10.96
C PRO A 113 -28.31 1.43 10.64
N PHE A 114 -27.72 2.14 11.60
CA PHE A 114 -27.37 3.53 11.34
C PHE A 114 -26.04 3.87 11.97
N LEU A 115 -25.32 4.78 11.33
CA LEU A 115 -24.03 5.21 11.84
C LEU A 115 -24.17 6.61 12.42
N LEU A 116 -23.40 6.91 13.45
CA LEU A 116 -23.42 8.25 14.02
C LEU A 116 -22.28 8.92 13.27
N VAL A 117 -22.54 10.06 12.64
CA VAL A 117 -21.51 10.77 11.86
C VAL A 117 -21.21 12.18 12.34
N GLY A 118 -19.99 12.41 12.80
CA GLY A 118 -19.62 13.74 13.23
C GLY A 118 -19.11 14.48 12.02
N THR A 119 -19.61 15.68 11.80
CA THR A 119 -19.19 16.43 10.62
C THR A 119 -18.42 17.71 10.94
N GLN A 120 -17.90 18.33 9.89
CA GLN A 120 -17.15 19.59 9.99
C GLN A 120 -16.03 19.55 11.01
N ILE A 121 -15.35 18.41 11.12
CA ILE A 121 -14.27 18.29 12.10
C ILE A 121 -13.11 19.28 11.86
N ASP A 122 -13.05 19.91 10.69
CA ASP A 122 -11.98 20.86 10.42
C ASP A 122 -12.20 22.13 11.26
N LEU A 123 -13.38 22.25 11.86
CA LEU A 123 -13.67 23.44 12.64
C LEU A 123 -13.32 23.32 14.12
N ARG A 124 -12.86 22.15 14.53
CA ARG A 124 -12.49 21.97 15.93
C ARG A 124 -11.42 22.95 16.35
N ASP A 125 -10.57 23.32 15.40
CA ASP A 125 -9.49 24.26 15.69
C ASP A 125 -9.70 25.59 14.97
N ASP A 126 -10.95 25.98 14.79
CA ASP A 126 -11.27 27.26 14.15
C ASP A 126 -11.52 28.30 15.24
N PRO A 127 -10.75 29.41 15.21
CA PRO A 127 -10.86 30.50 16.18
C PRO A 127 -12.29 30.99 16.37
N SER A 128 -12.86 31.58 15.33
CA SER A 128 -14.23 32.09 15.39
C SER A 128 -15.11 31.06 16.07
N THR A 129 -15.08 29.82 15.55
CA THR A 129 -15.88 28.71 16.06
C THR A 129 -15.66 28.47 17.56
N ILE A 130 -14.39 28.34 17.94
CA ILE A 130 -14.06 28.10 19.33
C ILE A 130 -14.46 29.25 20.24
N GLU A 131 -14.37 30.46 19.72
CA GLU A 131 -14.70 31.65 20.47
C GLU A 131 -16.18 31.76 20.76
N LYS A 132 -17.00 31.54 19.74
CA LYS A 132 -18.45 31.62 19.91
C LYS A 132 -18.92 30.56 20.89
N LEU A 133 -18.48 29.32 20.71
CA LEU A 133 -18.87 28.27 21.63
C LEU A 133 -18.52 28.68 23.07
N ALA A 134 -17.26 29.05 23.27
CA ALA A 134 -16.80 29.46 24.60
C ALA A 134 -17.53 30.70 25.08
N LYS A 135 -17.95 31.55 24.14
CA LYS A 135 -18.67 32.77 24.47
C LYS A 135 -19.99 32.42 25.15
N ASN A 136 -20.28 31.12 25.21
CA ASN A 136 -21.50 30.63 25.85
C ASN A 136 -21.15 29.33 26.60
N LYS A 137 -19.90 29.27 27.04
CA LYS A 137 -19.35 28.13 27.76
C LYS A 137 -19.67 26.78 27.15
N GLN A 138 -19.27 26.61 25.89
CA GLN A 138 -19.48 25.37 25.17
C GLN A 138 -18.14 24.98 24.56
N LYS A 139 -17.95 23.69 24.34
CA LYS A 139 -16.72 23.16 23.75
C LYS A 139 -17.14 22.25 22.62
N PRO A 140 -16.21 21.88 21.73
CA PRO A 140 -16.65 20.98 20.65
C PRO A 140 -16.97 19.64 21.28
N ILE A 141 -17.54 18.73 20.49
CA ILE A 141 -17.83 17.39 21.00
C ILE A 141 -16.59 16.59 20.63
N THR A 142 -16.17 15.72 21.53
CA THR A 142 -14.98 14.90 21.31
C THR A 142 -15.39 13.52 20.82
N PRO A 143 -14.49 12.85 20.08
CA PRO A 143 -14.76 11.51 19.58
C PRO A 143 -15.14 10.59 20.74
N GLU A 144 -14.61 10.89 21.92
CA GLU A 144 -14.88 10.10 23.12
C GLU A 144 -16.36 10.06 23.46
N THR A 145 -16.93 11.23 23.71
CA THR A 145 -18.34 11.32 24.05
C THR A 145 -19.20 10.89 22.85
N ALA A 146 -18.76 11.21 21.64
CA ALA A 146 -19.51 10.82 20.44
C ALA A 146 -19.64 9.31 20.36
N GLU A 147 -18.51 8.61 20.52
CA GLU A 147 -18.52 7.16 20.49
C GLU A 147 -19.38 6.59 21.62
N LYS A 148 -19.45 7.32 22.74
CA LYS A 148 -20.27 6.84 23.84
C LYS A 148 -21.74 6.91 23.44
N LEU A 149 -22.11 7.98 22.74
CA LEU A 149 -23.49 8.11 22.31
C LEU A 149 -23.80 6.99 21.32
N ALA A 150 -22.92 6.77 20.34
CA ALA A 150 -23.14 5.71 19.36
C ALA A 150 -23.53 4.45 20.13
N ARG A 151 -22.67 4.10 21.07
CA ARG A 151 -22.85 2.94 21.93
C ARG A 151 -24.23 2.95 22.58
N ASP A 152 -24.51 3.98 23.35
CA ASP A 152 -25.78 4.07 24.04
C ASP A 152 -26.98 4.01 23.11
N LEU A 153 -26.94 4.76 22.01
CA LEU A 153 -28.07 4.77 21.09
C LEU A 153 -28.13 3.59 20.11
N LYS A 154 -27.20 2.66 20.24
CA LYS A 154 -27.18 1.48 19.38
C LYS A 154 -26.84 1.76 17.91
N ALA A 155 -25.84 2.61 17.70
CA ALA A 155 -25.39 2.92 16.35
C ALA A 155 -24.36 1.83 16.00
N VAL A 156 -24.20 1.52 14.72
CA VAL A 156 -23.24 0.50 14.30
C VAL A 156 -21.86 0.95 14.83
N LYS A 157 -21.55 2.22 14.61
CA LYS A 157 -20.32 2.79 15.10
C LYS A 157 -20.38 4.28 14.89
N TYR A 158 -19.34 4.98 15.33
CA TYR A 158 -19.25 6.42 15.15
C TYR A 158 -18.08 6.67 14.22
N VAL A 159 -18.25 7.65 13.34
CA VAL A 159 -17.24 8.03 12.39
C VAL A 159 -17.38 9.54 12.23
N GLU A 160 -16.26 10.22 11.99
CA GLU A 160 -16.30 11.66 11.79
C GLU A 160 -15.48 12.04 10.58
N CYS A 161 -15.79 13.19 10.01
CA CYS A 161 -15.10 13.65 8.81
C CYS A 161 -15.27 15.16 8.64
N SER A 162 -14.79 15.64 7.50
CA SER A 162 -14.86 17.03 7.09
C SER A 162 -15.09 16.98 5.59
N ALA A 163 -16.21 17.51 5.11
CA ALA A 163 -16.48 17.51 3.69
C ALA A 163 -15.54 18.53 3.03
N LEU A 164 -15.12 19.53 3.79
CA LEU A 164 -14.22 20.56 3.26
C LEU A 164 -12.85 19.97 2.89
N THR A 165 -12.18 19.35 3.85
CA THR A 165 -10.85 18.76 3.61
C THR A 165 -10.92 17.30 3.13
N GLN A 166 -12.11 16.73 3.25
CA GLN A 166 -12.37 15.35 2.86
C GLN A 166 -11.72 14.35 3.80
N LYS A 167 -11.18 14.85 4.91
CA LYS A 167 -10.54 13.98 5.90
C LYS A 167 -11.58 13.01 6.46
N GLY A 168 -11.31 11.71 6.38
CA GLY A 168 -12.24 10.71 6.87
C GLY A 168 -13.54 10.63 6.05
N LEU A 169 -13.62 11.37 4.96
CA LEU A 169 -14.82 11.42 4.11
C LEU A 169 -15.24 10.10 3.44
N LYS A 170 -14.32 9.45 2.73
CA LYS A 170 -14.61 8.20 2.05
C LYS A 170 -14.95 7.07 3.03
N ASN A 171 -14.26 7.06 4.17
CA ASN A 171 -14.43 6.03 5.17
C ASN A 171 -15.83 6.00 5.81
N VAL A 172 -16.48 7.16 5.86
CA VAL A 172 -17.82 7.24 6.41
C VAL A 172 -18.74 6.42 5.49
N PHE A 173 -18.59 6.59 4.18
CA PHE A 173 -19.43 5.86 3.23
C PHE A 173 -19.05 4.41 3.11
N ASP A 174 -17.75 4.11 3.17
CA ASP A 174 -17.27 2.74 3.10
C ASP A 174 -17.87 1.98 4.26
N GLU A 175 -17.88 2.62 5.43
CA GLU A 175 -18.45 2.01 6.63
C GLU A 175 -19.94 1.85 6.47
N ALA A 176 -20.58 2.83 5.83
CA ALA A 176 -22.02 2.80 5.59
C ALA A 176 -22.30 1.58 4.73
N ILE A 177 -21.57 1.49 3.62
CA ILE A 177 -21.68 0.37 2.69
C ILE A 177 -21.50 -0.94 3.44
N LEU A 178 -20.49 -0.99 4.30
CA LEU A 178 -20.24 -2.21 5.08
C LEU A 178 -21.38 -2.56 6.04
N ALA A 179 -21.90 -1.56 6.75
CA ALA A 179 -23.01 -1.79 7.67
C ALA A 179 -24.22 -2.37 6.91
N ALA A 180 -24.35 -2.04 5.63
CA ALA A 180 -25.46 -2.53 4.86
C ALA A 180 -25.23 -3.95 4.35
N LEU A 181 -23.96 -4.36 4.29
CA LEU A 181 -23.62 -5.69 3.79
C LEU A 181 -23.22 -6.79 4.80
N GLU A 182 -22.47 -6.41 5.82
CA GLU A 182 -21.95 -7.32 6.85
C GLU A 182 -22.85 -8.16 7.75
N PRO A 183 -23.91 -7.56 8.33
CA PRO A 183 -24.79 -8.34 9.19
C PRO A 183 -24.99 -9.77 8.68
N PRO A 184 -24.84 -10.76 9.56
CA PRO A 184 -24.97 -12.19 9.29
C PRO A 184 -26.36 -12.64 8.85
N GLU A 185 -27.26 -11.69 8.58
CA GLU A 185 -28.59 -12.07 8.17
C GLU A 185 -28.98 -11.43 6.86
N PRO A 186 -30.04 -11.95 6.22
CA PRO A 186 -30.52 -11.43 4.94
C PRO A 186 -30.60 -9.92 4.99
N LYS A 187 -30.27 -9.27 3.89
CA LYS A 187 -30.33 -7.82 3.84
C LYS A 187 -31.78 -7.37 3.80
N LYS A 188 -32.63 -8.18 3.20
CA LYS A 188 -34.03 -7.82 3.11
C LYS A 188 -34.61 -7.58 4.50
N SER A 189 -34.09 -8.32 5.49
CA SER A 189 -34.60 -8.19 6.86
C SER A 189 -34.18 -6.91 7.56
N ARG A 190 -33.15 -6.27 7.03
CA ARG A 190 -32.63 -5.02 7.57
C ARG A 190 -33.22 -3.79 6.83
N ARG A 191 -33.71 -4.02 5.61
CA ARG A 191 -34.28 -2.97 4.75
C ARG A 191 -35.61 -2.43 5.29
N CYS A 192 -35.69 -1.11 5.46
CA CYS A 192 -36.89 -0.48 6.00
C CYS A 192 -38.15 -0.86 5.21
N VAL A 193 -39.16 -1.31 5.93
CA VAL A 193 -40.42 -1.70 5.32
C VAL A 193 -41.42 -0.68 5.74
N LEU A 194 -41.79 0.19 4.84
CA LEU A 194 -42.73 1.23 5.22
C LEU A 194 -43.88 1.31 4.24
N GLY B 1 38.13 -20.89 -17.55
CA GLY B 1 39.51 -21.22 -18.06
C GLY B 1 40.62 -20.47 -17.33
N ALA B 2 41.87 -20.70 -17.75
CA ALA B 2 43.03 -20.07 -17.10
C ALA B 2 43.11 -18.56 -17.17
N MET B 3 42.49 -17.96 -18.18
CA MET B 3 42.58 -16.52 -18.29
C MET B 3 41.29 -15.79 -18.59
N GLY B 4 41.34 -14.47 -18.39
CA GLY B 4 40.22 -13.60 -18.66
C GLY B 4 40.80 -12.29 -19.16
N ILE B 5 40.09 -11.56 -20.03
CA ILE B 5 40.69 -10.32 -20.50
C ILE B 5 40.38 -9.16 -19.58
N GLN B 6 39.42 -9.39 -18.69
CA GLN B 6 39.03 -8.39 -17.72
C GLN B 6 38.45 -9.08 -16.49
N THR B 7 38.76 -8.53 -15.33
CA THR B 7 38.25 -9.06 -14.06
C THR B 7 37.19 -8.14 -13.49
N ILE B 8 36.01 -8.69 -13.20
CA ILE B 8 34.95 -7.90 -12.61
C ILE B 8 34.67 -8.38 -11.18
N LYS B 9 34.81 -7.49 -10.22
CA LYS B 9 34.59 -7.87 -8.84
C LYS B 9 33.20 -7.48 -8.38
N CYS B 10 32.45 -8.49 -7.95
CA CYS B 10 31.09 -8.36 -7.48
C CYS B 10 30.98 -8.81 -6.02
N VAL B 11 30.51 -7.90 -5.16
CA VAL B 11 30.37 -8.16 -3.73
C VAL B 11 28.89 -8.17 -3.39
N VAL B 12 28.49 -9.12 -2.56
CA VAL B 12 27.06 -9.26 -2.22
C VAL B 12 26.75 -9.04 -0.74
N VAL B 13 25.89 -8.07 -0.45
CA VAL B 13 25.53 -7.74 0.92
C VAL B 13 24.01 -7.75 1.12
N GLY B 14 23.58 -7.76 2.38
CA GLY B 14 22.18 -7.80 2.68
C GLY B 14 21.97 -8.56 3.97
N ASP B 15 20.76 -8.46 4.53
CA ASP B 15 20.42 -9.12 5.78
C ASP B 15 20.72 -10.60 5.84
N GLY B 16 20.99 -11.04 7.06
CA GLY B 16 21.26 -12.45 7.22
C GLY B 16 20.03 -13.19 6.75
N ALA B 17 20.25 -14.33 6.11
CA ALA B 17 19.20 -15.20 5.60
C ALA B 17 18.35 -14.72 4.44
N VAL B 18 18.70 -13.60 3.80
CA VAL B 18 17.91 -13.15 2.66
C VAL B 18 18.12 -14.05 1.45
N GLY B 19 19.21 -14.81 1.46
CA GLY B 19 19.51 -15.73 0.36
C GLY B 19 20.75 -15.41 -0.48
N LYS B 20 21.69 -14.64 0.09
CA LYS B 20 22.92 -14.28 -0.65
C LYS B 20 23.75 -15.45 -1.14
N THR B 21 24.07 -16.36 -0.23
CA THR B 21 24.90 -17.50 -0.59
C THR B 21 24.19 -18.42 -1.57
N CYS B 22 22.90 -18.68 -1.36
CA CYS B 22 22.18 -19.55 -2.29
C CYS B 22 22.16 -18.91 -3.65
N LEU B 23 21.92 -17.60 -3.68
CA LEU B 23 21.90 -16.90 -4.95
C LEU B 23 23.22 -17.16 -5.71
N LEU B 24 24.35 -16.97 -5.02
CA LEU B 24 25.65 -17.18 -5.63
C LEU B 24 25.93 -18.63 -6.03
N ILE B 25 25.64 -19.55 -5.12
CA ILE B 25 25.89 -20.95 -5.39
C ILE B 25 24.96 -21.50 -6.46
N SER B 26 23.72 -21.08 -6.46
CA SER B 26 22.78 -21.54 -7.47
C SER B 26 23.26 -21.05 -8.84
N TYR B 27 23.65 -19.78 -8.91
CA TYR B 27 24.12 -19.20 -10.17
C TYR B 27 25.38 -19.85 -10.72
N THR B 28 26.37 -20.02 -9.85
CA THR B 28 27.67 -20.58 -10.25
C THR B 28 27.78 -22.08 -10.44
N THR B 29 27.00 -22.85 -9.69
CA THR B 29 27.08 -24.30 -9.81
C THR B 29 25.74 -24.99 -10.01
N ASN B 30 24.67 -24.19 -10.09
CA ASN B 30 23.33 -24.72 -10.28
C ASN B 30 22.89 -25.64 -9.16
N LYS B 31 23.54 -25.51 -8.01
CA LYS B 31 23.22 -26.29 -6.81
C LYS B 31 22.56 -25.38 -5.79
N PHE B 32 21.70 -25.94 -4.97
CA PHE B 32 21.01 -25.16 -3.96
C PHE B 32 21.26 -25.78 -2.60
N PRO B 33 22.06 -25.10 -1.75
CA PRO B 33 22.33 -25.65 -0.43
C PRO B 33 21.01 -25.83 0.33
N SER B 34 20.91 -26.90 1.11
CA SER B 34 19.69 -27.17 1.88
C SER B 34 19.81 -26.49 3.24
N GLU B 35 20.93 -26.73 3.90
CA GLU B 35 21.22 -26.19 5.22
C GLU B 35 21.71 -24.73 5.18
N TYR B 36 21.24 -23.92 6.13
CA TYR B 36 21.66 -22.53 6.22
C TYR B 36 22.82 -22.39 7.18
N VAL B 37 23.94 -21.92 6.66
CA VAL B 37 25.14 -21.71 7.45
C VAL B 37 25.56 -20.26 7.24
N PRO B 38 25.48 -19.42 8.28
CA PRO B 38 25.87 -18.03 8.14
C PRO B 38 27.25 -17.85 7.51
N THR B 39 27.34 -16.90 6.60
CA THR B 39 28.56 -16.60 5.88
C THR B 39 29.38 -15.63 6.71
N VAL B 40 30.68 -15.82 6.70
CA VAL B 40 31.58 -14.90 7.37
C VAL B 40 32.29 -14.19 6.23
N PHE B 41 32.84 -14.96 5.30
CA PHE B 41 33.54 -14.44 4.13
C PHE B 41 33.87 -15.59 3.18
N ASP B 42 33.47 -15.47 1.92
CA ASP B 42 33.79 -16.48 0.93
C ASP B 42 34.02 -15.81 -0.41
N ASN B 43 35.09 -16.24 -1.07
CA ASN B 43 35.49 -15.67 -2.32
C ASN B 43 35.54 -16.77 -3.39
N TYR B 44 34.82 -16.56 -4.48
CA TYR B 44 34.78 -17.53 -5.59
C TYR B 44 35.07 -16.80 -6.89
N ALA B 45 35.40 -17.58 -7.92
CA ALA B 45 35.66 -17.04 -9.25
C ALA B 45 35.06 -17.99 -10.27
N VAL B 46 34.56 -17.40 -11.35
CA VAL B 46 34.02 -18.11 -12.51
C VAL B 46 34.44 -17.30 -13.74
N THR B 47 34.49 -17.97 -14.88
CA THR B 47 34.83 -17.35 -16.16
C THR B 47 33.52 -17.19 -16.90
N VAL B 48 33.26 -16.02 -17.48
CA VAL B 48 32.03 -15.83 -18.26
C VAL B 48 32.41 -15.24 -19.59
N MET B 49 31.86 -15.83 -20.65
CA MET B 49 32.14 -15.36 -21.99
C MET B 49 31.33 -14.11 -22.29
N ILE B 50 32.01 -13.03 -22.65
CA ILE B 50 31.35 -11.77 -23.00
C ILE B 50 31.92 -11.40 -24.37
N GLY B 51 31.04 -11.25 -25.35
CA GLY B 51 31.51 -10.95 -26.69
C GLY B 51 32.32 -12.14 -27.21
N GLY B 52 32.12 -13.31 -26.60
CA GLY B 52 32.87 -14.49 -27.02
C GLY B 52 34.25 -14.60 -26.39
N GLU B 53 34.62 -13.59 -25.62
CA GLU B 53 35.92 -13.57 -24.95
C GLU B 53 35.78 -13.80 -23.44
N PRO B 54 36.74 -14.55 -22.87
CA PRO B 54 36.81 -14.91 -21.46
C PRO B 54 37.00 -13.73 -20.53
N TYR B 55 36.12 -13.63 -19.54
CA TYR B 55 36.19 -12.59 -18.52
C TYR B 55 36.10 -13.30 -17.18
N THR B 56 36.85 -12.79 -16.21
CA THR B 56 36.83 -13.37 -14.88
C THR B 56 35.91 -12.60 -13.97
N LEU B 57 34.96 -13.33 -13.39
CA LEU B 57 33.99 -12.76 -12.48
C LEU B 57 34.38 -13.18 -11.10
N GLY B 58 34.89 -12.23 -10.32
CA GLY B 58 35.30 -12.51 -8.95
C GLY B 58 34.13 -12.25 -8.02
N LEU B 59 33.60 -13.29 -7.37
CA LEU B 59 32.45 -13.11 -6.50
C LEU B 59 32.75 -13.14 -5.01
N PHE B 60 32.29 -12.11 -4.30
CA PHE B 60 32.55 -12.00 -2.89
C PHE B 60 31.30 -12.01 -2.02
N ASP B 61 31.15 -13.10 -1.28
CA ASP B 61 30.02 -13.31 -0.38
C ASP B 61 30.41 -12.75 0.98
N THR B 62 29.49 -12.04 1.61
CA THR B 62 29.69 -11.43 2.92
C THR B 62 28.63 -11.81 3.95
N ALA B 63 28.91 -11.48 5.21
CA ALA B 63 28.04 -11.77 6.33
C ALA B 63 26.85 -10.85 6.52
N GLY B 64 25.65 -11.41 6.43
CA GLY B 64 24.45 -10.64 6.70
C GLY B 64 24.29 -10.36 8.21
N LEU B 65 24.94 -11.16 9.06
CA LEU B 65 24.80 -10.97 10.50
C LEU B 65 25.63 -9.83 11.05
N GLU B 66 24.98 -8.94 11.79
CA GLU B 66 25.65 -7.79 12.36
C GLU B 66 26.82 -8.18 13.27
N ASP B 67 26.84 -9.42 13.72
CA ASP B 67 27.91 -9.91 14.58
C ASP B 67 29.22 -9.71 13.85
N TYR B 68 29.19 -9.88 12.53
CA TYR B 68 30.41 -9.74 11.74
C TYR B 68 30.58 -8.42 11.00
N ASP B 69 29.90 -7.37 11.44
CA ASP B 69 30.03 -6.07 10.77
C ASP B 69 31.50 -5.66 10.64
N ARG B 70 32.24 -5.90 11.71
CA ARG B 70 33.64 -5.52 11.75
C ARG B 70 34.48 -6.06 10.61
N LEU B 71 34.13 -7.27 10.15
CA LEU B 71 34.87 -7.93 9.09
C LEU B 71 34.40 -7.57 7.67
N ARG B 72 33.15 -7.13 7.53
CA ARG B 72 32.61 -6.89 6.20
C ARG B 72 33.44 -5.99 5.28
N PRO B 73 33.84 -4.79 5.75
CA PRO B 73 34.64 -3.93 4.87
C PRO B 73 35.81 -4.61 4.19
N LEU B 74 36.29 -5.73 4.74
CA LEU B 74 37.41 -6.45 4.12
C LEU B 74 37.09 -6.85 2.68
N SER B 75 35.81 -7.09 2.39
CA SER B 75 35.37 -7.47 1.04
C SER B 75 35.35 -6.28 0.05
N TYR B 76 35.28 -5.07 0.57
CA TYR B 76 35.14 -3.89 -0.26
C TYR B 76 36.21 -3.33 -1.22
N PRO B 77 37.51 -3.41 -0.87
CA PRO B 77 38.55 -2.88 -1.77
C PRO B 77 38.54 -3.47 -3.20
N GLN B 78 38.56 -2.58 -4.20
CA GLN B 78 38.57 -2.94 -5.63
C GLN B 78 37.24 -3.47 -6.18
N THR B 79 36.13 -3.25 -5.48
CA THR B 79 34.84 -3.73 -5.97
C THR B 79 34.40 -2.92 -7.17
N ASP B 80 33.92 -3.61 -8.20
CA ASP B 80 33.47 -2.96 -9.41
C ASP B 80 31.95 -2.76 -9.37
N VAL B 81 31.25 -3.70 -8.76
CA VAL B 81 29.79 -3.62 -8.66
C VAL B 81 29.29 -4.34 -7.39
N PHE B 82 28.26 -3.78 -6.77
CA PHE B 82 27.67 -4.40 -5.57
C PHE B 82 26.25 -4.90 -5.84
N LEU B 83 25.85 -5.96 -5.15
CA LEU B 83 24.48 -6.45 -5.26
C LEU B 83 23.95 -6.30 -3.84
N VAL B 84 22.98 -5.42 -3.63
CA VAL B 84 22.40 -5.23 -2.29
C VAL B 84 21.07 -5.97 -2.30
N CYS B 85 21.00 -7.06 -1.53
CA CYS B 85 19.83 -7.93 -1.50
C CYS B 85 18.92 -7.86 -0.28
N PHE B 86 17.66 -8.21 -0.52
CA PHE B 86 16.66 -8.26 0.54
C PHE B 86 15.64 -9.29 0.04
N SER B 87 15.01 -9.99 0.97
CA SER B 87 14.02 -10.99 0.58
C SER B 87 12.74 -10.26 0.25
N VAL B 88 12.13 -10.58 -0.89
CA VAL B 88 10.91 -9.89 -1.26
C VAL B 88 9.77 -10.19 -0.29
N VAL B 89 9.93 -11.24 0.51
CA VAL B 89 8.92 -11.58 1.51
C VAL B 89 9.38 -11.26 2.95
N SER B 90 10.31 -10.32 3.09
CA SER B 90 10.83 -9.89 4.38
C SER B 90 10.98 -8.37 4.41
N PRO B 91 9.92 -7.66 4.84
CA PRO B 91 9.83 -6.19 4.95
C PRO B 91 11.01 -5.56 5.67
N SER B 92 11.45 -6.20 6.74
CA SER B 92 12.57 -5.72 7.54
C SER B 92 13.89 -5.75 6.75
N SER B 93 14.11 -6.83 5.99
CA SER B 93 15.32 -6.92 5.18
C SER B 93 15.30 -5.76 4.17
N PHE B 94 14.12 -5.51 3.61
CA PHE B 94 13.93 -4.43 2.65
C PHE B 94 14.20 -3.07 3.31
N GLU B 95 13.60 -2.84 4.45
CA GLU B 95 13.81 -1.59 5.17
C GLU B 95 15.32 -1.35 5.46
N ASN B 96 16.05 -2.44 5.75
CA ASN B 96 17.50 -2.33 6.06
C ASN B 96 18.36 -1.98 4.86
N VAL B 97 17.78 -2.08 3.68
CA VAL B 97 18.49 -1.73 2.48
C VAL B 97 18.79 -0.24 2.58
N LYS B 98 17.79 0.54 3.00
CA LYS B 98 18.02 1.98 3.11
C LYS B 98 18.63 2.40 4.43
N GLU B 99 18.40 1.63 5.49
CA GLU B 99 18.95 1.96 6.81
C GLU B 99 20.39 1.51 7.05
N LYS B 100 20.77 0.35 6.52
CA LYS B 100 22.10 -0.16 6.74
C LYS B 100 22.97 -0.46 5.52
N TRP B 101 22.48 -1.32 4.63
CA TRP B 101 23.28 -1.72 3.49
C TRP B 101 23.74 -0.68 2.49
N VAL B 102 22.83 0.14 1.94
CA VAL B 102 23.31 1.14 1.01
C VAL B 102 24.21 2.16 1.75
N PRO B 103 23.83 2.59 2.97
CA PRO B 103 24.69 3.55 3.69
C PRO B 103 26.11 3.01 3.80
N GLU B 104 26.24 1.73 4.15
CA GLU B 104 27.54 1.08 4.31
C GLU B 104 28.41 1.03 3.03
N ILE B 105 27.94 0.38 1.96
CA ILE B 105 28.74 0.28 0.73
C ILE B 105 29.05 1.65 0.10
N THR B 106 28.08 2.55 0.17
CA THR B 106 28.24 3.86 -0.41
C THR B 106 29.15 4.72 0.45
N HIS B 107 29.25 4.39 1.73
CA HIS B 107 30.18 5.15 2.58
C HIS B 107 31.61 4.73 2.25
N HIS B 108 31.79 3.43 2.02
CA HIS B 108 33.10 2.87 1.72
C HIS B 108 33.58 3.03 0.28
N CYS B 109 32.66 2.91 -0.66
CA CYS B 109 32.92 3.00 -2.10
C CYS B 109 31.89 3.91 -2.75
N PRO B 110 31.99 5.22 -2.51
CA PRO B 110 31.03 6.18 -3.06
C PRO B 110 30.94 6.30 -4.59
N LYS B 111 31.85 5.64 -5.31
CA LYS B 111 31.85 5.71 -6.78
C LYS B 111 31.42 4.40 -7.46
N THR B 112 31.25 3.34 -6.69
CA THR B 112 30.92 2.04 -7.24
C THR B 112 29.41 1.79 -7.40
N PRO B 113 28.99 1.35 -8.59
CA PRO B 113 27.55 1.10 -8.82
C PRO B 113 27.06 -0.08 -8.01
N PHE B 114 25.75 -0.16 -7.83
CA PHE B 114 25.19 -1.29 -7.10
C PHE B 114 23.80 -1.54 -7.64
N LEU B 115 23.36 -2.77 -7.54
CA LEU B 115 22.02 -3.11 -7.96
C LEU B 115 21.24 -3.47 -6.72
N LEU B 116 19.93 -3.32 -6.79
CA LEU B 116 19.10 -3.70 -5.67
C LEU B 116 18.59 -5.06 -6.13
N VAL B 117 18.77 -6.09 -5.30
CA VAL B 117 18.38 -7.45 -5.66
C VAL B 117 17.28 -8.07 -4.78
N GLY B 118 16.11 -8.27 -5.35
CA GLY B 118 15.05 -8.91 -4.58
C GLY B 118 15.29 -10.40 -4.71
N THR B 119 15.31 -11.10 -3.58
CA THR B 119 15.55 -12.55 -3.61
C THR B 119 14.28 -13.33 -3.22
N GLN B 120 14.38 -14.66 -3.24
CA GLN B 120 13.28 -15.56 -2.84
C GLN B 120 11.90 -15.21 -3.40
N ILE B 121 11.84 -14.69 -4.62
CA ILE B 121 10.55 -14.33 -5.20
C ILE B 121 9.58 -15.52 -5.37
N ASP B 122 10.06 -16.75 -5.24
CA ASP B 122 9.16 -17.89 -5.36
C ASP B 122 8.23 -17.94 -4.15
N LEU B 123 8.73 -17.52 -3.00
CA LEU B 123 7.91 -17.56 -1.79
C LEU B 123 6.85 -16.47 -1.75
N ARG B 124 6.88 -15.56 -2.72
CA ARG B 124 5.92 -14.46 -2.76
C ARG B 124 4.47 -14.92 -2.85
N ASP B 125 4.27 -16.19 -3.14
CA ASP B 125 2.93 -16.75 -3.25
C ASP B 125 2.83 -18.08 -2.51
N ASP B 126 3.59 -18.20 -1.43
CA ASP B 126 3.59 -19.41 -0.61
C ASP B 126 2.67 -19.14 0.59
N PRO B 127 1.52 -19.84 0.66
CA PRO B 127 0.53 -19.72 1.73
C PRO B 127 1.13 -19.55 3.12
N SER B 128 1.98 -20.49 3.50
CA SER B 128 2.65 -20.44 4.80
C SER B 128 3.34 -19.09 4.98
N THR B 129 4.04 -18.64 3.94
CA THR B 129 4.78 -17.37 3.95
C THR B 129 3.86 -16.15 4.03
N ILE B 130 2.89 -16.08 3.11
CA ILE B 130 1.97 -14.97 3.07
C ILE B 130 1.12 -14.93 4.34
N GLU B 131 0.90 -16.11 4.92
CA GLU B 131 0.10 -16.26 6.12
C GLU B 131 0.82 -15.69 7.33
N LYS B 132 2.06 -16.11 7.52
CA LYS B 132 2.87 -15.65 8.63
C LYS B 132 3.07 -14.14 8.55
N LEU B 133 3.22 -13.63 7.32
CA LEU B 133 3.38 -12.19 7.13
C LEU B 133 2.11 -11.47 7.59
N ALA B 134 0.97 -11.91 7.06
CA ALA B 134 -0.31 -11.33 7.40
C ALA B 134 -0.56 -11.31 8.90
N LYS B 135 -0.09 -12.36 9.60
CA LYS B 135 -0.26 -12.46 11.05
C LYS B 135 0.52 -11.39 11.80
N ASN B 136 1.32 -10.62 11.06
CA ASN B 136 2.09 -9.53 11.66
C ASN B 136 1.68 -8.27 10.90
N LYS B 137 0.69 -8.44 10.02
CA LYS B 137 0.15 -7.36 9.19
C LYS B 137 1.14 -6.82 8.17
N GLN B 138 1.93 -7.71 7.60
CA GLN B 138 2.89 -7.33 6.59
C GLN B 138 2.52 -8.09 5.33
N LYS B 139 3.11 -7.70 4.21
CA LYS B 139 2.86 -8.36 2.95
C LYS B 139 4.13 -8.26 2.12
N PRO B 140 4.30 -9.18 1.15
CA PRO B 140 5.48 -9.18 0.28
C PRO B 140 5.70 -7.81 -0.35
N ILE B 141 6.95 -7.53 -0.71
CA ILE B 141 7.28 -6.28 -1.34
C ILE B 141 7.03 -6.51 -2.82
N THR B 142 6.52 -5.49 -3.50
CA THR B 142 6.22 -5.57 -4.92
C THR B 142 7.36 -4.95 -5.73
N PRO B 143 7.47 -5.37 -7.01
CA PRO B 143 8.54 -4.81 -7.85
C PRO B 143 8.45 -3.29 -7.91
N GLU B 144 7.23 -2.76 -7.93
CA GLU B 144 7.00 -1.32 -8.02
C GLU B 144 7.63 -0.58 -6.85
N THR B 145 7.38 -1.07 -5.64
CA THR B 145 7.91 -0.45 -4.46
C THR B 145 9.43 -0.58 -4.43
N ALA B 146 9.94 -1.77 -4.80
CA ALA B 146 11.37 -2.02 -4.81
C ALA B 146 12.06 -1.09 -5.80
N GLU B 147 11.48 -1.00 -7.00
CA GLU B 147 12.00 -0.14 -8.06
C GLU B 147 12.05 1.32 -7.62
N LYS B 148 11.07 1.76 -6.85
CA LYS B 148 11.09 3.14 -6.39
C LYS B 148 12.24 3.33 -5.39
N LEU B 149 12.50 2.28 -4.61
CA LEU B 149 13.59 2.40 -3.65
C LEU B 149 14.89 2.46 -4.43
N ALA B 150 15.01 1.66 -5.48
CA ALA B 150 16.21 1.66 -6.30
C ALA B 150 16.45 3.10 -6.76
N ARG B 151 15.43 3.68 -7.38
CA ARG B 151 15.51 5.05 -7.86
C ARG B 151 15.98 5.96 -6.74
N ASP B 152 15.17 6.05 -5.70
CA ASP B 152 15.48 6.92 -4.57
C ASP B 152 16.91 6.78 -4.01
N LEU B 153 17.41 5.54 -3.91
CA LEU B 153 18.73 5.32 -3.36
C LEU B 153 19.92 5.32 -4.32
N LYS B 154 19.66 5.68 -5.58
CA LYS B 154 20.70 5.74 -6.60
C LYS B 154 21.30 4.40 -7.05
N ALA B 155 20.44 3.40 -7.19
CA ALA B 155 20.88 2.09 -7.65
C ALA B 155 20.85 2.10 -9.18
N VAL B 156 21.67 1.26 -9.82
CA VAL B 156 21.68 1.15 -11.28
C VAL B 156 20.28 0.77 -11.72
N LYS B 157 19.73 -0.24 -11.04
CA LYS B 157 18.39 -0.71 -11.33
C LYS B 157 18.00 -1.71 -10.26
N TYR B 158 16.78 -2.22 -10.37
CA TYR B 158 16.26 -3.22 -9.46
C TYR B 158 16.01 -4.48 -10.29
N VAL B 159 16.40 -5.62 -9.75
CA VAL B 159 16.19 -6.88 -10.42
C VAL B 159 15.81 -7.89 -9.35
N GLU B 160 15.01 -8.90 -9.70
CA GLU B 160 14.61 -9.89 -8.73
C GLU B 160 14.72 -11.31 -9.26
N CYS B 161 14.82 -12.27 -8.34
CA CYS B 161 15.01 -13.67 -8.73
C CYS B 161 14.77 -14.63 -7.57
N SER B 162 14.94 -15.90 -7.89
CA SER B 162 14.79 -17.00 -6.94
C SER B 162 15.94 -17.98 -7.19
N ALA B 163 16.86 -18.11 -6.23
CA ALA B 163 17.97 -19.04 -6.41
C ALA B 163 17.42 -20.45 -6.49
N LEU B 164 16.18 -20.63 -6.02
CA LEU B 164 15.54 -21.94 -6.01
C LEU B 164 15.05 -22.40 -7.38
N THR B 165 14.28 -21.57 -8.07
CA THR B 165 13.74 -21.92 -9.38
C THR B 165 14.65 -21.37 -10.47
N GLN B 166 15.58 -20.54 -10.02
CA GLN B 166 16.55 -19.88 -10.88
C GLN B 166 15.92 -18.82 -11.74
N LYS B 167 14.64 -18.53 -11.51
CA LYS B 167 13.93 -17.51 -12.27
C LYS B 167 14.57 -16.13 -12.10
N GLY B 168 15.06 -15.56 -13.20
CA GLY B 168 15.69 -14.25 -13.16
C GLY B 168 17.10 -14.25 -12.58
N LEU B 169 17.60 -15.44 -12.24
CA LEU B 169 18.93 -15.57 -11.62
C LEU B 169 20.12 -15.12 -12.49
N LYS B 170 20.15 -15.60 -13.73
CA LYS B 170 21.21 -15.23 -14.64
C LYS B 170 21.18 -13.74 -14.95
N ASN B 171 19.95 -13.21 -15.08
CA ASN B 171 19.77 -11.81 -15.38
C ASN B 171 20.29 -10.85 -14.30
N VAL B 172 20.30 -11.30 -13.05
CA VAL B 172 20.86 -10.47 -11.99
C VAL B 172 22.36 -10.31 -12.26
N PHE B 173 23.06 -11.43 -12.45
CA PHE B 173 24.51 -11.34 -12.72
C PHE B 173 24.84 -10.67 -14.04
N ASP B 174 23.99 -10.90 -15.04
CA ASP B 174 24.18 -10.28 -16.34
C ASP B 174 24.16 -8.77 -16.18
N GLU B 175 23.16 -8.29 -15.45
CA GLU B 175 23.01 -6.85 -15.21
C GLU B 175 24.16 -6.29 -14.41
N ALA B 176 24.62 -7.07 -13.43
CA ALA B 176 25.73 -6.67 -12.59
C ALA B 176 26.92 -6.43 -13.49
N ILE B 177 27.18 -7.43 -14.33
CA ILE B 177 28.28 -7.39 -15.29
C ILE B 177 28.15 -6.11 -16.12
N LEU B 178 26.96 -5.90 -16.67
CA LEU B 178 26.70 -4.71 -17.48
C LEU B 178 26.94 -3.42 -16.71
N ALA B 179 26.53 -3.40 -15.43
CA ALA B 179 26.71 -2.22 -14.60
C ALA B 179 28.21 -1.90 -14.48
N ALA B 180 29.03 -2.95 -14.51
CA ALA B 180 30.47 -2.78 -14.40
C ALA B 180 31.15 -2.39 -15.69
N LEU B 181 30.48 -2.60 -16.81
CA LEU B 181 31.12 -2.30 -18.09
C LEU B 181 30.63 -1.09 -18.90
N GLU B 182 29.34 -0.79 -18.81
CA GLU B 182 28.72 0.29 -19.59
C GLU B 182 29.02 1.77 -19.33
N PRO B 183 29.15 2.19 -18.06
CA PRO B 183 29.44 3.62 -17.86
C PRO B 183 30.57 4.14 -18.77
N PRO B 184 30.39 5.34 -19.34
CA PRO B 184 31.34 6.01 -20.24
C PRO B 184 32.73 6.17 -19.65
N GLU B 185 32.78 6.63 -18.40
CA GLU B 185 34.05 6.83 -17.75
C GLU B 185 34.82 5.52 -17.59
N PRO B 186 36.13 5.62 -17.32
CA PRO B 186 36.98 4.43 -17.14
C PRO B 186 36.47 3.55 -16.02
N LYS B 187 36.70 2.25 -16.15
CA LYS B 187 36.29 1.30 -15.11
C LYS B 187 37.03 1.68 -13.84
N LYS B 188 38.30 2.04 -13.99
CA LYS B 188 39.13 2.43 -12.87
C LYS B 188 38.45 3.48 -12.00
N SER B 189 37.66 4.34 -12.62
CA SER B 189 36.94 5.42 -11.94
C SER B 189 35.91 4.90 -10.94
N ARG B 190 35.20 3.84 -11.31
CA ARG B 190 34.17 3.27 -10.45
C ARG B 190 34.67 2.20 -9.47
N ARG B 191 35.83 1.62 -9.75
CA ARG B 191 36.39 0.56 -8.89
C ARG B 191 36.69 1.11 -7.49
N CYS B 192 36.21 0.43 -6.44
CA CYS B 192 36.42 0.90 -5.07
C CYS B 192 37.88 1.03 -4.68
N VAL B 193 38.26 2.15 -4.07
CA VAL B 193 39.64 2.33 -3.65
C VAL B 193 39.71 2.49 -2.16
N LEU B 194 40.08 1.43 -1.48
CA LEU B 194 40.20 1.48 -0.03
C LEU B 194 41.58 1.03 0.36
N ILE C 6 -12.05 -6.66 1.99
CA ILE C 6 -13.03 -6.14 1.00
C ILE C 6 -12.68 -4.72 0.50
N VAL C 7 -12.37 -4.62 -0.80
CA VAL C 7 -12.02 -3.34 -1.41
C VAL C 7 -13.22 -2.59 -1.98
N ILE C 8 -13.33 -1.31 -1.64
CA ILE C 8 -14.42 -0.44 -2.09
C ILE C 8 -13.79 0.78 -2.76
N SER C 9 -14.15 1.04 -4.01
CA SER C 9 -13.61 2.18 -4.76
C SER C 9 -14.27 3.50 -4.40
N MET C 10 -13.78 4.56 -5.03
CA MET C 10 -14.34 5.89 -4.88
C MET C 10 -15.61 5.81 -5.73
N PRO C 11 -16.51 6.80 -5.61
CA PRO C 11 -17.74 6.78 -6.40
C PRO C 11 -17.46 7.18 -7.85
N GLN C 12 -18.31 6.71 -8.75
CA GLN C 12 -18.20 7.02 -10.18
C GLN C 12 -19.61 7.26 -10.72
N ASP C 13 -19.67 7.86 -11.91
CA ASP C 13 -20.95 8.08 -12.58
C ASP C 13 -22.02 8.70 -11.65
N PHE C 14 -21.68 9.87 -11.14
CA PHE C 14 -22.59 10.60 -10.26
C PHE C 14 -23.81 11.03 -11.06
N ARG C 15 -24.98 10.87 -10.47
CA ARG C 15 -26.19 11.27 -11.17
C ARG C 15 -27.29 11.74 -10.21
N PRO C 16 -27.88 12.93 -10.47
CA PRO C 16 -28.96 13.44 -9.61
C PRO C 16 -30.17 12.68 -10.16
N VAL C 17 -31.01 12.11 -9.31
CA VAL C 17 -32.19 11.36 -9.81
C VAL C 17 -33.54 12.05 -9.56
N SER C 18 -33.76 12.49 -8.33
CA SER C 18 -35.04 13.14 -8.07
C SER C 18 -34.94 14.14 -6.94
N SER C 19 -36.00 14.92 -6.79
CA SER C 19 -36.08 15.90 -5.72
C SER C 19 -37.46 16.52 -5.65
N ILE C 20 -37.68 17.23 -4.55
CA ILE C 20 -38.92 17.94 -4.31
C ILE C 20 -38.48 19.39 -4.40
N ILE C 21 -39.13 20.18 -5.25
CA ILE C 21 -38.78 21.59 -5.40
C ILE C 21 -40.00 22.47 -5.20
N ASP C 22 -39.76 23.77 -5.05
CA ASP C 22 -40.84 24.75 -4.89
C ASP C 22 -41.80 24.41 -3.73
N VAL C 23 -41.29 23.82 -2.67
CA VAL C 23 -42.15 23.47 -1.55
C VAL C 23 -42.76 24.67 -0.81
N ASP C 24 -42.03 25.78 -0.74
CA ASP C 24 -42.51 26.96 -0.01
C ASP C 24 -43.56 27.80 -0.71
N ILE C 25 -43.55 27.73 -2.03
CA ILE C 25 -44.47 28.51 -2.82
C ILE C 25 -45.59 27.67 -3.42
N LEU C 26 -45.84 26.51 -2.86
CA LEU C 26 -46.91 25.65 -3.33
C LEU C 26 -47.85 25.28 -2.17
N PRO C 27 -49.11 24.96 -2.48
CA PRO C 27 -50.03 24.57 -1.42
C PRO C 27 -49.42 23.35 -0.75
N GLU C 28 -49.62 23.22 0.56
CA GLU C 28 -49.10 22.08 1.31
C GLU C 28 -49.59 20.76 0.72
N THR C 29 -50.79 20.76 0.15
CA THR C 29 -51.36 19.55 -0.42
C THR C 29 -50.80 19.16 -1.79
N HIS C 30 -49.79 19.90 -2.28
CA HIS C 30 -49.21 19.59 -3.57
C HIS C 30 -47.75 19.20 -3.37
N ARG C 31 -47.17 18.57 -4.39
CA ARG C 31 -45.77 18.16 -4.35
C ARG C 31 -45.22 18.25 -5.77
N ARG C 32 -44.18 19.04 -5.95
CA ARG C 32 -43.59 19.17 -7.26
C ARG C 32 -42.34 18.31 -7.20
N VAL C 33 -42.31 17.33 -8.09
CA VAL C 33 -41.24 16.37 -8.17
C VAL C 33 -40.40 16.51 -9.43
N ARG C 34 -39.13 16.24 -9.26
CA ARG C 34 -38.22 16.29 -10.37
C ARG C 34 -37.70 14.86 -10.53
N LEU C 35 -37.72 14.37 -11.76
CA LEU C 35 -37.22 13.03 -12.08
C LEU C 35 -36.23 13.17 -13.23
N CYS C 36 -35.05 12.60 -13.06
CA CYS C 36 -34.05 12.64 -14.11
C CYS C 36 -33.66 11.20 -14.37
N LYS C 37 -34.22 10.59 -15.40
CA LYS C 37 -33.94 9.19 -15.70
C LYS C 37 -32.51 8.88 -16.20
N TYR C 38 -31.99 7.73 -15.78
CA TYR C 38 -30.63 7.36 -16.13
C TYR C 38 -30.28 7.52 -17.61
N GLY C 39 -31.16 7.02 -18.48
CA GLY C 39 -30.93 7.10 -19.91
C GLY C 39 -32.19 7.10 -20.75
N THR C 40 -32.08 7.66 -21.95
CA THR C 40 -33.17 7.79 -22.91
C THR C 40 -34.10 6.59 -23.05
N GLU C 41 -33.53 5.38 -23.02
CA GLU C 41 -34.31 4.17 -23.23
C GLU C 41 -35.21 3.60 -22.12
N LYS C 42 -34.93 3.86 -20.84
CA LYS C 42 -35.84 3.30 -19.82
C LYS C 42 -37.03 4.18 -19.47
N PRO C 43 -38.12 3.56 -18.98
CA PRO C 43 -39.37 4.22 -18.61
C PRO C 43 -39.31 4.96 -17.29
N LEU C 44 -40.17 5.96 -17.17
CA LEU C 44 -40.29 6.74 -15.96
C LEU C 44 -40.82 5.79 -14.86
N GLY C 45 -41.56 4.76 -15.25
CA GLY C 45 -42.03 3.79 -14.26
C GLY C 45 -43.36 3.95 -13.56
N PHE C 46 -44.32 4.60 -14.21
CA PHE C 46 -45.66 4.76 -13.61
C PHE C 46 -46.67 5.03 -14.71
N TYR C 47 -47.91 4.58 -14.52
CA TYR C 47 -48.94 4.80 -15.53
C TYR C 47 -49.91 5.77 -14.97
N ILE C 48 -50.65 6.43 -15.85
CA ILE C 48 -51.65 7.34 -15.36
C ILE C 48 -52.99 6.97 -15.97
N ARG C 49 -54.07 7.29 -15.26
CA ARG C 49 -55.39 6.99 -15.72
C ARG C 49 -56.30 8.21 -15.65
N ASP C 50 -57.47 8.04 -16.25
CA ASP C 50 -58.48 9.07 -16.26
C ASP C 50 -59.22 8.93 -14.96
N GLY C 51 -59.93 9.98 -14.60
CA GLY C 51 -60.70 9.97 -13.38
C GLY C 51 -61.39 11.31 -13.30
N SER C 52 -62.13 11.53 -12.22
CA SER C 52 -62.82 12.79 -12.02
C SER C 52 -62.37 13.30 -10.67
N SER C 53 -62.28 14.62 -10.55
CA SER C 53 -61.90 15.23 -9.28
C SER C 53 -63.04 16.16 -8.94
N VAL C 54 -63.49 16.12 -7.70
CA VAL C 54 -64.59 16.98 -7.27
C VAL C 54 -63.94 18.27 -6.73
N ARG C 55 -64.26 19.41 -7.33
CA ARG C 55 -63.69 20.68 -6.89
C ARG C 55 -64.73 21.80 -6.74
N VAL C 56 -64.38 22.84 -5.98
CA VAL C 56 -65.26 23.99 -5.81
C VAL C 56 -64.85 24.91 -6.97
N THR C 57 -65.72 25.06 -7.97
CA THR C 57 -65.46 25.91 -9.13
C THR C 57 -66.19 27.25 -9.01
N PRO C 58 -65.90 28.20 -9.91
CA PRO C 58 -66.57 29.51 -9.85
C PRO C 58 -68.09 29.35 -9.84
N HIS C 59 -68.59 28.18 -10.25
CA HIS C 59 -70.01 27.91 -10.25
C HIS C 59 -70.49 26.95 -9.18
N GLY C 60 -69.56 26.39 -8.41
CA GLY C 60 -69.93 25.46 -7.35
C GLY C 60 -69.08 24.19 -7.32
N LEU C 61 -69.51 23.20 -6.54
CA LEU C 61 -68.80 21.93 -6.42
C LEU C 61 -69.18 21.06 -7.62
N GLU C 62 -68.23 20.86 -8.53
CA GLU C 62 -68.49 20.05 -9.69
C GLU C 62 -67.50 18.90 -9.73
N LYS C 63 -67.79 17.92 -10.55
CA LYS C 63 -66.88 16.80 -10.73
C LYS C 63 -66.29 17.09 -12.10
N VAL C 64 -64.99 17.37 -12.13
CA VAL C 64 -64.32 17.65 -13.38
C VAL C 64 -63.30 16.54 -13.69
N PRO C 65 -62.89 16.44 -14.96
CA PRO C 65 -61.92 15.43 -15.39
C PRO C 65 -60.60 15.58 -14.62
N GLY C 66 -60.03 14.46 -14.19
CA GLY C 66 -58.78 14.49 -13.47
C GLY C 66 -57.86 13.39 -13.96
N ILE C 67 -56.57 13.54 -13.70
CA ILE C 67 -55.57 12.54 -14.12
C ILE C 67 -54.93 11.98 -12.86
N PHE C 68 -54.82 10.66 -12.78
CA PHE C 68 -54.27 10.02 -11.59
C PHE C 68 -53.27 8.95 -11.92
N ILE C 69 -52.36 8.71 -10.99
CA ILE C 69 -51.36 7.65 -11.14
C ILE C 69 -52.11 6.36 -10.83
N SER C 70 -51.96 5.37 -11.70
CA SER C 70 -52.70 4.12 -11.55
C SER C 70 -51.82 3.00 -11.10
N ARG C 71 -50.52 3.11 -11.31
CA ARG C 71 -49.62 2.09 -10.84
C ARG C 71 -48.17 2.44 -11.10
N LEU C 72 -47.30 1.76 -10.36
CA LEU C 72 -45.87 1.96 -10.45
C LEU C 72 -45.23 0.66 -10.84
N VAL C 73 -44.29 0.72 -11.77
CA VAL C 73 -43.58 -0.46 -12.19
C VAL C 73 -42.68 -0.88 -11.01
N PRO C 74 -42.67 -2.16 -10.68
CA PRO C 74 -41.80 -2.50 -9.54
C PRO C 74 -40.33 -2.43 -9.92
N GLY C 75 -39.54 -1.87 -9.01
CA GLY C 75 -38.11 -1.72 -9.27
C GLY C 75 -37.84 -0.56 -10.22
N GLY C 76 -38.92 0.10 -10.66
CA GLY C 76 -38.79 1.22 -11.58
C GLY C 76 -38.27 2.51 -10.98
N LEU C 77 -38.09 3.51 -11.82
CA LEU C 77 -37.58 4.81 -11.39
C LEU C 77 -38.52 5.53 -10.42
N ALA C 78 -39.76 5.74 -10.85
CA ALA C 78 -40.71 6.43 -9.99
C ALA C 78 -40.74 5.76 -8.63
N GLN C 79 -40.90 4.44 -8.62
CA GLN C 79 -40.94 3.72 -7.36
C GLN C 79 -39.70 3.89 -6.50
N SER C 80 -38.54 3.88 -7.11
CA SER C 80 -37.33 4.00 -6.33
C SER C 80 -37.23 5.35 -5.60
N THR C 81 -37.81 6.39 -6.18
CA THR C 81 -37.73 7.69 -5.53
C THR C 81 -38.62 7.82 -4.29
N GLY C 82 -39.82 7.23 -4.32
CA GLY C 82 -40.72 7.32 -3.19
C GLY C 82 -41.52 8.59 -3.20
N LEU C 83 -41.44 9.32 -4.31
CA LEU C 83 -42.13 10.58 -4.45
C LEU C 83 -43.43 10.51 -5.24
N LEU C 84 -43.82 9.31 -5.65
CA LEU C 84 -45.06 9.18 -6.43
C LEU C 84 -45.76 7.87 -6.06
N ALA C 85 -47.04 7.96 -5.82
CA ALA C 85 -47.79 6.80 -5.39
C ALA C 85 -49.10 6.76 -6.11
N VAL C 86 -49.68 5.56 -6.17
CA VAL C 86 -50.96 5.36 -6.80
C VAL C 86 -52.02 6.22 -6.14
N ASN C 87 -52.91 6.76 -6.95
CA ASN C 87 -54.00 7.63 -6.52
C ASN C 87 -53.58 9.10 -6.42
N ASP C 88 -52.28 9.40 -6.55
CA ASP C 88 -51.86 10.80 -6.52
C ASP C 88 -52.46 11.41 -7.80
N GLU C 89 -53.04 12.61 -7.69
CA GLU C 89 -53.61 13.26 -8.87
C GLU C 89 -52.51 14.07 -9.55
N VAL C 90 -52.45 14.00 -10.88
CA VAL C 90 -51.43 14.75 -11.63
C VAL C 90 -52.03 16.10 -11.97
N LEU C 91 -51.35 17.18 -11.64
CA LEU C 91 -51.89 18.48 -11.93
C LEU C 91 -51.14 19.27 -13.02
N GLU C 92 -49.84 19.10 -13.06
CA GLU C 92 -49.04 19.87 -14.01
C GLU C 92 -47.79 19.12 -14.47
N VAL C 93 -47.36 19.39 -15.69
CA VAL C 93 -46.16 18.80 -16.24
C VAL C 93 -45.29 19.90 -16.86
N ASN C 94 -44.15 20.17 -16.25
CA ASN C 94 -43.21 21.18 -16.72
C ASN C 94 -43.87 22.50 -17.14
N GLY C 95 -44.61 23.10 -16.22
CA GLY C 95 -45.27 24.38 -16.51
C GLY C 95 -46.60 24.31 -17.25
N ILE C 96 -46.99 23.14 -17.69
CA ILE C 96 -48.24 23.03 -18.41
C ILE C 96 -49.26 22.30 -17.55
N GLU C 97 -50.36 22.96 -17.23
CA GLU C 97 -51.39 22.35 -16.40
C GLU C 97 -52.15 21.30 -17.22
N VAL C 98 -52.61 20.25 -16.55
CA VAL C 98 -53.30 19.17 -17.24
C VAL C 98 -54.81 19.32 -17.33
N SER C 99 -55.36 20.44 -16.85
CA SER C 99 -56.80 20.67 -16.88
C SER C 99 -57.47 20.63 -18.26
N GLY C 100 -56.97 21.40 -19.22
CA GLY C 100 -57.60 21.34 -20.54
C GLY C 100 -57.07 20.20 -21.40
N LYS C 101 -56.28 19.31 -20.80
CA LYS C 101 -55.65 18.20 -21.50
C LYS C 101 -56.29 16.83 -21.33
N SER C 102 -56.19 16.04 -22.40
CA SER C 102 -56.71 14.68 -22.46
C SER C 102 -55.64 13.73 -21.92
N LEU C 103 -56.07 12.54 -21.56
CA LEU C 103 -55.15 11.54 -21.04
C LEU C 103 -53.98 11.27 -21.99
N ASP C 104 -54.26 11.11 -23.29
CA ASP C 104 -53.17 10.83 -24.22
C ASP C 104 -52.18 12.00 -24.32
N GLN C 105 -52.67 13.23 -24.23
CA GLN C 105 -51.84 14.45 -24.30
C GLN C 105 -50.92 14.53 -23.10
N VAL C 106 -51.48 14.29 -21.91
CA VAL C 106 -50.70 14.31 -20.69
C VAL C 106 -49.67 13.19 -20.78
N THR C 107 -50.04 12.06 -21.38
CA THR C 107 -49.09 10.96 -21.53
C THR C 107 -47.99 11.44 -22.49
N ASP C 108 -48.36 12.08 -23.60
CA ASP C 108 -47.36 12.58 -24.54
C ASP C 108 -46.45 13.62 -23.87
N MET C 109 -47.05 14.51 -23.08
CA MET C 109 -46.27 15.55 -22.41
C MET C 109 -45.20 14.95 -21.52
N MET C 110 -45.54 13.88 -20.83
CA MET C 110 -44.56 13.27 -19.96
C MET C 110 -43.45 12.60 -20.72
N ILE C 111 -43.77 11.99 -21.86
CA ILE C 111 -42.74 11.36 -22.66
C ILE C 111 -41.83 12.45 -23.23
N ALA C 112 -42.41 13.58 -23.59
CA ALA C 112 -41.62 14.65 -24.17
C ALA C 112 -40.62 15.18 -23.16
N ASN C 113 -41.06 15.31 -21.92
CA ASN C 113 -40.22 15.85 -20.86
C ASN C 113 -39.58 14.77 -20.00
N SER C 114 -39.63 13.52 -20.44
CA SER C 114 -39.09 12.42 -19.65
C SER C 114 -37.61 12.46 -19.29
N ARG C 115 -36.80 13.22 -20.01
CA ARG C 115 -35.37 13.27 -19.71
C ARG C 115 -35.11 14.21 -18.55
N ASN C 116 -36.08 15.09 -18.31
CA ASN C 116 -36.00 16.08 -17.25
C ASN C 116 -37.44 16.45 -16.89
N LEU C 117 -38.09 15.55 -16.15
CA LEU C 117 -39.50 15.74 -15.81
C LEU C 117 -39.83 16.54 -14.58
N ILE C 118 -40.72 17.50 -14.71
CA ILE C 118 -41.17 18.29 -13.55
C ILE C 118 -42.65 18.03 -13.40
N ILE C 119 -43.01 17.09 -12.53
CA ILE C 119 -44.40 16.76 -12.37
C ILE C 119 -44.94 17.13 -11.00
N THR C 120 -46.01 17.92 -11.04
CA THR C 120 -46.68 18.42 -9.85
C THR C 120 -47.95 17.58 -9.59
N VAL C 121 -48.02 16.94 -8.43
CA VAL C 121 -49.16 16.10 -8.07
C VAL C 121 -49.79 16.52 -6.75
N ARG C 122 -50.98 16.00 -6.49
CA ARG C 122 -51.66 16.22 -5.23
C ARG C 122 -51.65 14.82 -4.65
N PRO C 123 -50.66 14.52 -3.80
CA PRO C 123 -50.58 13.19 -3.21
C PRO C 123 -51.89 12.68 -2.63
N ALA C 124 -52.01 11.36 -2.63
CA ALA C 124 -53.14 10.68 -2.06
C ALA C 124 -52.71 10.41 -0.60
N ASN C 125 -53.68 10.39 0.31
CA ASN C 125 -53.35 10.14 1.71
C ASN C 125 -53.63 8.67 2.10
N GLN C 126 -52.65 8.05 2.76
CA GLN C 126 -52.80 6.68 3.21
C GLN C 126 -53.48 6.61 4.58
N ARG C 127 -54.49 5.75 4.71
CA ARG C 127 -55.16 5.60 5.98
C ARG C 127 -54.17 5.18 7.04
N ASN C 128 -54.16 5.91 8.16
CA ASN C 128 -53.25 5.57 9.24
C ASN C 128 -53.78 4.32 9.96
N ILE D 6 24.99 -7.14 -26.43
CA ILE D 6 26.19 -7.92 -26.01
C ILE D 6 25.85 -9.29 -25.41
N VAL D 7 26.45 -10.34 -25.97
CA VAL D 7 26.22 -11.73 -25.52
C VAL D 7 27.04 -12.13 -24.29
N ILE D 8 26.37 -12.61 -23.24
CA ILE D 8 27.03 -13.05 -22.01
C ILE D 8 26.61 -14.48 -21.73
N SER D 9 27.58 -15.35 -21.51
CA SER D 9 27.29 -16.74 -21.27
C SER D 9 27.01 -16.96 -19.81
N MET D 10 26.69 -18.19 -19.48
CA MET D 10 26.46 -18.55 -18.09
C MET D 10 27.85 -18.83 -17.59
N PRO D 11 28.05 -18.87 -16.27
CA PRO D 11 29.39 -19.13 -15.76
C PRO D 11 29.92 -20.55 -15.97
N GLN D 12 31.24 -20.65 -16.00
CA GLN D 12 31.91 -21.93 -16.17
C GLN D 12 33.12 -21.82 -15.26
N ASP D 13 33.76 -22.96 -15.02
CA ASP D 13 34.98 -23.03 -14.26
C ASP D 13 34.92 -22.35 -12.88
N PHE D 14 33.96 -22.83 -12.09
CA PHE D 14 33.72 -22.34 -10.75
C PHE D 14 34.87 -22.76 -9.86
N ARG D 15 35.35 -21.84 -9.04
CA ARG D 15 36.43 -22.15 -8.13
C ARG D 15 36.30 -21.36 -6.83
N PRO D 16 36.39 -22.04 -5.68
CA PRO D 16 36.30 -21.30 -4.42
C PRO D 16 37.73 -20.76 -4.35
N VAL D 17 37.92 -19.51 -3.94
CA VAL D 17 39.29 -18.94 -3.87
C VAL D 17 39.75 -18.71 -2.45
N SER D 18 38.95 -18.00 -1.66
CA SER D 18 39.41 -17.80 -0.30
C SER D 18 38.24 -17.64 0.62
N SER D 19 38.54 -17.61 1.90
CA SER D 19 37.52 -17.44 2.92
C SER D 19 38.19 -17.27 4.28
N ILE D 20 37.37 -16.88 5.25
CA ILE D 20 37.76 -16.71 6.64
C ILE D 20 36.95 -17.77 7.37
N ILE D 21 37.61 -18.59 8.18
CA ILE D 21 36.93 -19.65 8.92
C ILE D 21 37.28 -19.55 10.41
N ASP D 22 36.61 -20.38 11.21
CA ASP D 22 36.86 -20.46 12.65
C ASP D 22 36.87 -19.10 13.36
N VAL D 23 36.03 -18.19 12.92
CA VAL D 23 35.99 -16.85 13.53
C VAL D 23 35.42 -16.78 14.95
N ASP D 24 34.45 -17.65 15.26
CA ASP D 24 33.81 -17.65 16.58
C ASP D 24 34.64 -18.31 17.67
N ILE D 25 35.62 -19.09 17.26
CA ILE D 25 36.45 -19.82 18.18
C ILE D 25 37.90 -19.37 18.20
N LEU D 26 38.16 -18.14 17.79
CA LEU D 26 39.51 -17.59 17.79
C LEU D 26 39.50 -16.20 18.41
N PRO D 27 40.64 -15.76 18.99
CA PRO D 27 40.64 -14.42 19.58
C PRO D 27 40.25 -13.52 18.42
N GLU D 28 39.53 -12.44 18.68
CA GLU D 28 39.17 -11.61 17.55
C GLU D 28 40.31 -10.80 16.98
N THR D 29 41.49 -10.90 17.57
CA THR D 29 42.64 -10.20 17.02
C THR D 29 43.32 -11.14 15.99
N HIS D 30 42.73 -12.32 15.78
CA HIS D 30 43.26 -13.31 14.83
C HIS D 30 42.33 -13.51 13.63
N ARG D 31 42.86 -14.06 12.55
CA ARG D 31 42.07 -14.30 11.36
C ARG D 31 42.61 -15.56 10.71
N ARG D 32 41.77 -16.59 10.62
CA ARG D 32 42.23 -17.79 9.97
C ARG D 32 41.73 -17.66 8.54
N VAL D 33 42.67 -17.69 7.61
CA VAL D 33 42.34 -17.51 6.21
C VAL D 33 42.61 -18.79 5.44
N ARG D 34 41.77 -19.04 4.44
CA ARG D 34 41.94 -20.18 3.59
C ARG D 34 42.17 -19.65 2.16
N LEU D 35 43.23 -20.14 1.52
CA LEU D 35 43.59 -19.76 0.14
C LEU D 35 43.70 -21.01 -0.73
N CYS D 36 42.94 -21.08 -1.81
CA CYS D 36 43.03 -22.22 -2.71
C CYS D 36 43.45 -21.62 -4.05
N LYS D 37 44.71 -21.83 -4.46
CA LYS D 37 45.22 -21.26 -5.71
C LYS D 37 44.64 -21.87 -6.99
N TYR D 38 44.60 -21.10 -8.08
CA TYR D 38 44.04 -21.62 -9.31
C TYR D 38 44.68 -22.94 -9.75
N GLY D 39 46.00 -22.91 -9.94
CA GLY D 39 46.72 -24.11 -10.34
C GLY D 39 48.04 -24.26 -9.60
N THR D 40 48.68 -25.41 -9.77
CA THR D 40 49.94 -25.71 -9.11
C THR D 40 51.13 -24.82 -9.50
N GLU D 41 51.00 -24.06 -10.59
CA GLU D 41 52.10 -23.22 -11.09
C GLU D 41 52.15 -21.70 -10.83
N LYS D 42 51.21 -21.14 -10.09
CA LYS D 42 51.30 -19.71 -9.82
C LYS D 42 51.29 -19.45 -8.31
N PRO D 43 52.25 -18.64 -7.84
CA PRO D 43 52.50 -18.22 -6.46
C PRO D 43 51.31 -17.77 -5.63
N LEU D 44 51.44 -17.96 -4.32
CA LEU D 44 50.42 -17.56 -3.37
C LEU D 44 50.32 -16.02 -3.38
N GLY D 45 51.42 -15.36 -3.71
CA GLY D 45 51.38 -13.91 -3.80
C GLY D 45 51.77 -13.07 -2.59
N PHE D 46 52.64 -13.59 -1.75
CA PHE D 46 53.10 -12.83 -0.58
C PHE D 46 54.35 -13.41 0.03
N TYR D 47 55.20 -12.54 0.60
CA TYR D 47 56.46 -12.96 1.22
C TYR D 47 56.38 -12.80 2.73
N ILE D 48 57.20 -13.54 3.44
CA ILE D 48 57.23 -13.40 4.90
C ILE D 48 58.68 -13.13 5.34
N ARG D 49 58.84 -12.48 6.50
CA ARG D 49 60.14 -12.13 7.02
C ARG D 49 60.23 -12.42 8.52
N ASP D 50 61.45 -12.38 9.02
CA ASP D 50 61.66 -12.55 10.43
C ASP D 50 61.28 -11.23 11.07
N GLY D 51 61.15 -11.25 12.38
CA GLY D 51 60.80 -10.05 13.10
C GLY D 51 60.65 -10.48 14.53
N SER D 52 60.31 -9.55 15.40
CA SER D 52 60.15 -9.86 16.80
C SER D 52 58.77 -9.44 17.24
N SER D 53 58.17 -10.23 18.13
CA SER D 53 56.86 -9.91 18.66
C SER D 53 57.11 -9.81 20.16
N VAL D 54 56.74 -8.71 20.80
CA VAL D 54 56.95 -8.63 22.24
C VAL D 54 55.70 -9.27 22.87
N ARG D 55 55.90 -10.23 23.77
CA ARG D 55 54.77 -10.92 24.37
C ARG D 55 54.91 -11.17 25.87
N VAL D 56 53.77 -11.23 26.55
CA VAL D 56 53.73 -11.52 27.99
C VAL D 56 53.82 -13.05 28.08
N THR D 57 54.94 -13.55 28.59
CA THR D 57 55.18 -14.98 28.74
C THR D 57 55.15 -15.34 30.22
N PRO D 58 55.35 -16.62 30.56
CA PRO D 58 55.34 -16.98 31.98
C PRO D 58 56.39 -16.21 32.78
N HIS D 59 57.52 -15.89 32.16
CA HIS D 59 58.55 -15.16 32.87
C HIS D 59 58.47 -13.65 32.76
N GLY D 60 57.67 -13.14 31.84
CA GLY D 60 57.53 -11.70 31.70
C GLY D 60 57.28 -11.21 30.30
N LEU D 61 57.46 -9.90 30.08
CA LEU D 61 57.26 -9.28 28.77
C LEU D 61 58.54 -9.46 27.96
N GLU D 62 58.57 -10.49 27.12
CA GLU D 62 59.76 -10.78 26.32
C GLU D 62 59.66 -10.41 24.85
N LYS D 63 60.82 -10.25 24.23
CA LYS D 63 60.91 -9.96 22.81
C LYS D 63 61.12 -11.34 22.20
N VAL D 64 60.11 -11.84 21.51
CA VAL D 64 60.13 -13.18 20.90
C VAL D 64 60.19 -13.17 19.37
N PRO D 65 60.92 -14.12 18.77
CA PRO D 65 60.97 -14.12 17.31
C PRO D 65 59.57 -14.30 16.69
N GLY D 66 59.27 -13.50 15.67
CA GLY D 66 57.98 -13.58 15.00
C GLY D 66 58.12 -13.71 13.49
N ILE D 67 57.02 -14.02 12.82
CA ILE D 67 57.04 -14.14 11.36
C ILE D 67 56.00 -13.18 10.89
N PHE D 68 56.38 -12.34 9.92
CA PHE D 68 55.49 -11.31 9.38
C PHE D 68 55.44 -11.25 7.86
N ILE D 69 54.29 -10.82 7.33
CA ILE D 69 54.09 -10.63 5.90
C ILE D 69 54.84 -9.35 5.54
N SER D 70 55.75 -9.44 4.60
CA SER D 70 56.60 -8.31 4.23
C SER D 70 56.24 -7.66 2.93
N ARG D 71 55.47 -8.37 2.11
CA ARG D 71 55.12 -7.84 0.81
C ARG D 71 54.09 -8.73 0.16
N LEU D 72 53.26 -8.13 -0.70
CA LEU D 72 52.24 -8.83 -1.46
C LEU D 72 52.57 -8.57 -2.92
N VAL D 73 52.42 -9.60 -3.75
CA VAL D 73 52.68 -9.45 -5.17
C VAL D 73 51.52 -8.70 -5.84
N PRO D 74 51.83 -7.67 -6.63
CA PRO D 74 50.79 -6.89 -7.32
C PRO D 74 49.97 -7.77 -8.27
N GLY D 75 48.65 -7.76 -8.11
CA GLY D 75 47.81 -8.56 -8.98
C GLY D 75 47.77 -10.03 -8.57
N GLY D 76 48.50 -10.31 -7.49
CA GLY D 76 48.58 -11.67 -6.97
C GLY D 76 47.35 -12.21 -6.29
N LEU D 77 47.39 -13.48 -5.97
CA LEU D 77 46.30 -14.16 -5.31
C LEU D 77 46.02 -13.55 -3.93
N ALA D 78 47.01 -13.54 -3.06
CA ALA D 78 46.79 -12.97 -1.73
C ALA D 78 46.19 -11.56 -1.85
N GLN D 79 46.82 -10.69 -2.63
CA GLN D 79 46.28 -9.35 -2.77
C GLN D 79 44.84 -9.34 -3.25
N SER D 80 44.52 -10.19 -4.23
CA SER D 80 43.16 -10.22 -4.75
C SER D 80 42.15 -10.57 -3.67
N THR D 81 42.55 -11.37 -2.69
CA THR D 81 41.58 -11.74 -1.65
C THR D 81 41.23 -10.62 -0.70
N GLY D 82 42.21 -9.77 -0.38
CA GLY D 82 42.01 -8.67 0.54
C GLY D 82 42.15 -9.13 1.98
N LEU D 83 42.50 -10.41 2.15
CA LEU D 83 42.60 -11.00 3.48
C LEU D 83 43.96 -11.04 4.13
N LEU D 84 44.97 -10.55 3.44
CA LEU D 84 46.31 -10.54 4.03
C LEU D 84 46.99 -9.24 3.66
N ALA D 85 47.56 -8.58 4.64
CA ALA D 85 48.24 -7.31 4.41
C ALA D 85 49.62 -7.30 5.03
N VAL D 86 50.46 -6.43 4.49
CA VAL D 86 51.79 -6.27 5.01
C VAL D 86 51.72 -5.97 6.51
N ASN D 87 52.63 -6.61 7.23
CA ASN D 87 52.77 -6.50 8.67
C ASN D 87 51.91 -7.43 9.52
N ASP D 88 50.97 -8.11 8.90
CA ASP D 88 50.16 -9.05 9.65
C ASP D 88 51.21 -10.06 10.11
N GLU D 89 51.10 -10.50 11.36
CA GLU D 89 52.02 -11.48 11.88
C GLU D 89 51.47 -12.87 11.56
N VAL D 90 52.35 -13.82 11.18
CA VAL D 90 51.90 -15.19 10.88
C VAL D 90 52.02 -16.03 12.14
N LEU D 91 50.95 -16.73 12.49
CA LEU D 91 50.96 -17.53 13.70
C LEU D 91 50.88 -19.05 13.51
N GLU D 92 50.16 -19.49 12.48
CA GLU D 92 49.96 -20.91 12.25
C GLU D 92 49.68 -21.23 10.78
N VAL D 93 50.14 -22.40 10.33
CA VAL D 93 49.91 -22.86 8.95
C VAL D 93 49.42 -24.31 9.03
N ASN D 94 48.18 -24.49 8.60
CA ASN D 94 47.50 -25.79 8.58
C ASN D 94 47.70 -26.61 9.83
N GLY D 95 47.29 -26.05 10.97
CA GLY D 95 47.43 -26.77 12.23
C GLY D 95 48.81 -26.75 12.89
N ILE D 96 49.80 -26.16 12.26
CA ILE D 96 51.12 -26.14 12.87
C ILE D 96 51.51 -24.72 13.28
N GLU D 97 51.68 -24.47 14.56
CA GLU D 97 52.06 -23.14 15.04
C GLU D 97 53.49 -22.85 14.57
N VAL D 98 53.77 -21.59 14.24
CA VAL D 98 55.11 -21.26 13.77
C VAL D 98 56.13 -20.92 14.86
N SER D 99 55.69 -20.86 16.12
CA SER D 99 56.65 -20.54 17.18
C SER D 99 57.52 -21.78 17.35
N GLY D 100 58.83 -21.56 17.24
CA GLY D 100 59.77 -22.67 17.36
C GLY D 100 60.17 -23.13 15.96
N LYS D 101 59.72 -22.41 14.94
CA LYS D 101 60.05 -22.75 13.55
C LYS D 101 60.82 -21.58 12.95
N SER D 102 61.80 -21.90 12.12
CA SER D 102 62.60 -20.89 11.46
C SER D 102 61.80 -20.33 10.30
N LEU D 103 62.29 -19.20 9.79
CA LEU D 103 61.66 -18.55 8.66
C LEU D 103 61.63 -19.52 7.45
N ASP D 104 62.76 -20.16 7.15
CA ASP D 104 62.81 -21.10 6.03
C ASP D 104 61.78 -22.22 6.16
N GLN D 105 61.60 -22.73 7.37
CA GLN D 105 60.66 -23.79 7.64
C GLN D 105 59.23 -23.36 7.41
N VAL D 106 58.88 -22.16 7.87
CA VAL D 106 57.54 -21.64 7.70
C VAL D 106 57.29 -21.45 6.20
N THR D 107 58.31 -20.97 5.51
CA THR D 107 58.21 -20.81 4.05
C THR D 107 57.94 -22.17 3.40
N ASP D 108 58.68 -23.19 3.79
CA ASP D 108 58.45 -24.53 3.23
C ASP D 108 57.02 -25.02 3.55
N MET D 109 56.58 -24.82 4.80
CA MET D 109 55.25 -25.25 5.21
C MET D 109 54.17 -24.67 4.33
N MET D 110 54.33 -23.40 3.96
CA MET D 110 53.37 -22.75 3.10
C MET D 110 53.44 -23.26 1.66
N ILE D 111 54.64 -23.59 1.19
CA ILE D 111 54.77 -24.14 -0.17
C ILE D 111 54.13 -25.52 -0.18
N ALA D 112 54.26 -26.25 0.92
CA ALA D 112 53.72 -27.58 1.07
C ALA D 112 52.20 -27.60 1.12
N ASN D 113 51.62 -26.56 1.71
CA ASN D 113 50.18 -26.48 1.83
C ASN D 113 49.59 -25.56 0.78
N SER D 114 50.47 -25.08 -0.08
CA SER D 114 50.16 -24.19 -1.17
C SER D 114 48.82 -24.42 -1.88
N ARG D 115 48.50 -25.68 -2.16
CA ARG D 115 47.26 -25.99 -2.87
C ARG D 115 46.01 -25.70 -2.06
N ASN D 116 46.10 -25.93 -0.75
CA ASN D 116 44.98 -25.76 0.15
C ASN D 116 45.57 -25.19 1.44
N LEU D 117 45.77 -23.88 1.45
CA LEU D 117 46.42 -23.21 2.56
C LEU D 117 45.51 -22.61 3.61
N ILE D 118 45.80 -22.92 4.86
CA ILE D 118 45.05 -22.34 5.97
C ILE D 118 46.07 -21.70 6.89
N ILE D 119 46.16 -20.38 6.79
CA ILE D 119 47.13 -19.63 7.55
C ILE D 119 46.42 -18.69 8.49
N THR D 120 46.80 -18.78 9.76
CA THR D 120 46.19 -17.92 10.78
C THR D 120 47.17 -16.78 11.06
N VAL D 121 46.68 -15.56 10.95
CA VAL D 121 47.54 -14.39 11.19
C VAL D 121 46.92 -13.47 12.24
N ARG D 122 47.71 -12.52 12.70
CA ARG D 122 47.24 -11.51 13.64
C ARG D 122 47.44 -10.25 12.82
N PRO D 123 46.36 -9.79 12.16
CA PRO D 123 46.39 -8.59 11.32
C PRO D 123 47.02 -7.38 11.98
N ALA D 124 47.77 -6.65 11.19
CA ALA D 124 48.36 -5.40 11.65
C ALA D 124 47.22 -4.38 11.54
N ASN D 125 47.25 -3.36 12.38
CA ASN D 125 46.20 -2.36 12.36
C ASN D 125 46.59 -1.11 11.57
N GLN D 126 45.71 -0.71 10.63
CA GLN D 126 45.92 0.48 9.80
C GLN D 126 45.48 1.77 10.52
N ARG D 127 46.39 2.73 10.61
CA ARG D 127 46.06 4.00 11.25
C ARG D 127 44.85 4.57 10.54
N ASN D 128 43.88 5.06 11.31
CA ASN D 128 42.68 5.65 10.72
C ASN D 128 42.96 7.11 10.35
MG MG E . -28.85 20.06 3.12
PG GNP F . -30.06 21.42 5.69
O1G GNP F . -30.45 20.38 6.71
O2G GNP F . -30.16 20.98 4.28
O3G GNP F . -30.80 22.72 5.88
N3B GNP F . -28.42 21.75 5.94
PB GNP F . -27.18 20.76 5.83
O1B GNP F . -27.39 20.04 4.53
O2B GNP F . -27.00 19.75 6.90
O3A GNP F . -25.66 21.26 5.43
PA GNP F . -24.94 22.00 4.24
O1A GNP F . -24.20 20.84 3.61
O2A GNP F . -25.83 22.55 3.17
O5' GNP F . -23.85 23.02 4.78
C5' GNP F . -24.36 24.16 5.39
C4' GNP F . -23.10 25.02 5.65
O4' GNP F . -22.23 24.35 6.53
C3' GNP F . -22.18 25.21 4.48
O3' GNP F . -22.57 26.43 3.87
C2' GNP F . -20.81 25.32 5.11
O2' GNP F . -20.41 26.61 5.51
C1' GNP F . -20.83 24.49 6.32
N9 GNP F . -20.03 23.23 6.24
C8 GNP F . -20.46 22.01 5.81
N7 GNP F . -19.48 21.12 5.89
C5 GNP F . -18.42 21.79 6.37
C6 GNP F . -17.08 21.31 6.66
O6 GNP F . -16.80 19.99 6.44
N1 GNP F . -16.12 22.22 7.16
C2 GNP F . -16.50 23.52 7.35
N2 GNP F . -15.60 24.36 7.86
N3 GNP F . -17.76 23.97 7.07
C4 GNP F . -18.75 23.13 6.59
MG MG G . 25.45 -16.37 3.41
PG GNP H . 24.01 -14.98 5.86
O1G GNP H . 23.89 -13.46 5.65
O2G GNP H . 25.23 -15.60 5.25
O3G GNP H . 23.90 -15.37 7.33
N3B GNP H . 22.65 -15.63 5.09
PB GNP H . 22.26 -15.56 3.53
O1B GNP H . 23.53 -15.94 2.84
O2B GNP H . 21.78 -14.30 2.97
O3A GNP H . 21.32 -16.72 2.81
PA GNP H . 21.39 -18.27 2.54
O1A GNP H . 21.73 -18.27 1.06
O2A GNP H . 22.50 -19.00 3.24
O5' GNP H . 19.96 -18.96 2.68
C5' GNP H . 19.47 -19.08 3.99
C4' GNP H . 18.19 -19.92 3.82
O4' GNP H . 17.25 -19.20 3.04
C3' GNP H . 18.32 -21.14 2.97
O3' GNP H . 18.61 -22.21 3.84
C2' GNP H . 16.96 -21.31 2.35
O2' GNP H . 16.02 -22.01 3.15
C1' GNP H . 16.43 -19.96 2.13
N9 GNP H . 16.40 -19.48 0.69
C8 GNP H . 17.40 -18.87 0.01
N7 GNP H . 17.03 -18.58 -1.23
C5 GNP H . 15.77 -19.01 -1.35
C6 GNP H . 14.88 -18.94 -2.48
O6 GNP H . 15.32 -18.35 -3.63
N1 GNP H . 13.58 -19.48 -2.38
C2 GNP H . 13.22 -20.06 -1.17
N2 GNP H . 12.04 -20.54 -1.06
N3 GNP H . 14.07 -20.11 -0.10
C4 GNP H . 15.36 -19.60 -0.14
#